data_2M73
# 
_entry.id   2M73 
# 
_audit_conform.dict_name       mmcif_pdbx.dic 
_audit_conform.dict_version    5.392 
_audit_conform.dict_location   http://mmcif.pdb.org/dictionaries/ascii/mmcif_pdbx.dic 
# 
loop_
_database_2.database_id 
_database_2.database_code 
_database_2.pdbx_database_accession 
_database_2.pdbx_DOI 
PDB   2M73         pdb_00002m73 10.2210/pdb2m73/pdb 
RCSB  RCSB103291   ?            ?                   
BMRB  19170        ?            10.13018/BMR19170   
WWPDB D_1000103291 ?            ?                   
# 
loop_
_pdbx_audit_revision_history.ordinal 
_pdbx_audit_revision_history.data_content_type 
_pdbx_audit_revision_history.major_revision 
_pdbx_audit_revision_history.minor_revision 
_pdbx_audit_revision_history.revision_date 
1 'Structure model' 1 0 2014-04-16 
2 'Structure model' 1 1 2023-06-14 
3 'Structure model' 1 2 2024-05-15 
# 
_pdbx_audit_revision_details.ordinal             1 
_pdbx_audit_revision_details.revision_ordinal    1 
_pdbx_audit_revision_details.data_content_type   'Structure model' 
_pdbx_audit_revision_details.provider            repository 
_pdbx_audit_revision_details.type                'Initial release' 
_pdbx_audit_revision_details.description         ? 
_pdbx_audit_revision_details.details             ? 
# 
loop_
_pdbx_audit_revision_group.ordinal 
_pdbx_audit_revision_group.revision_ordinal 
_pdbx_audit_revision_group.data_content_type 
_pdbx_audit_revision_group.group 
1 2 'Structure model' 'Data collection'     
2 2 'Structure model' 'Database references' 
3 2 'Structure model' Other                 
4 3 'Structure model' 'Data collection'     
5 3 'Structure model' 'Database references' 
# 
loop_
_pdbx_audit_revision_category.ordinal 
_pdbx_audit_revision_category.revision_ordinal 
_pdbx_audit_revision_category.data_content_type 
_pdbx_audit_revision_category.category 
1 2 'Structure model' database_2            
2 2 'Structure model' pdbx_database_status  
3 2 'Structure model' pdbx_nmr_software     
4 2 'Structure model' pdbx_nmr_spectrometer 
5 3 'Structure model' chem_comp_atom        
6 3 'Structure model' chem_comp_bond        
7 3 'Structure model' database_2            
# 
loop_
_pdbx_audit_revision_item.ordinal 
_pdbx_audit_revision_item.revision_ordinal 
_pdbx_audit_revision_item.data_content_type 
_pdbx_audit_revision_item.item 
1 2 'Structure model' '_database_2.pdbx_DOI'                       
2 2 'Structure model' '_database_2.pdbx_database_accession'        
3 2 'Structure model' '_pdbx_database_status.status_code_nmr_data' 
4 2 'Structure model' '_pdbx_nmr_software.name'                    
5 2 'Structure model' '_pdbx_nmr_spectrometer.model'               
6 3 'Structure model' '_database_2.pdbx_DOI'                       
# 
_pdbx_database_status.deposit_site                    BMRB 
_pdbx_database_status.entry_id                        2M73 
_pdbx_database_status.process_site                    RCSB 
_pdbx_database_status.recvd_initial_deposition_date   2013-04-16 
_pdbx_database_status.SG_entry                        ? 
_pdbx_database_status.status_code                     REL 
_pdbx_database_status.status_code_mr                  REL 
_pdbx_database_status.status_code_sf                  ? 
_pdbx_database_status.status_code_cs                  REL 
_pdbx_database_status.methods_development_category    ? 
_pdbx_database_status.pdb_format_compatible           Y 
_pdbx_database_status.status_code_nmr_data            REL 
# 
loop_
_pdbx_database_related.db_id 
_pdbx_database_related.db_name 
_pdbx_database_related.content_type 
_pdbx_database_related.details 
19170 BMRB unspecified . 
2M7E  PDB  unspecified . 
# 
loop_
_audit_author.name 
_audit_author.pdbx_ordinal 
'Jamshidiha, M.' 1 
'Ishida, H.'     2 
'Gifford, J.L.'  3 
'Vogel, H.J.'    4 
# 
_citation.id                        primary 
_citation.title                     
'Structural characterization of the interaction between a plant calmodulin and three distinct calcium-ATPase pumps' 
_citation.journal_abbrev            'To be Published' 
_citation.journal_volume            ? 
_citation.page_first                ? 
_citation.page_last                 ? 
_citation.year                      ? 
_citation.journal_id_ASTM           ? 
_citation.country                   ? 
_citation.journal_id_ISSN           ? 
_citation.journal_id_CSD            0353 
_citation.book_publisher            ? 
_citation.pdbx_database_id_PubMed   ? 
_citation.pdbx_database_id_DOI      ? 
# 
loop_
_citation_author.citation_id 
_citation_author.name 
_citation_author.ordinal 
_citation_author.identifier_ORCID 
primary 'Jamshidiha, M.' 1 ? 
primary 'Ishida, H.'     2 ? 
primary 'Gifford, J.L.'  3 ? 
primary 'Vogel, H.J.'    4 ? 
# 
_entity.id                         1 
_entity.type                       polymer 
_entity.src_method                 man 
_entity.pdbx_description           'Calcium-transporting ATPase 8, plasma membrane-type' 
_entity.formula_weight             3110.684 
_entity.pdbx_number_of_molecules   1 
_entity.pdbx_ec                    3.6.3.8 
_entity.pdbx_mutation              ? 
_entity.pdbx_fragment              'UNP residues 43-67' 
_entity.details                    ? 
# 
_entity_name_com.entity_id   1 
_entity_name_com.name        'Ca(2+)-ATPase isoform 8' 
# 
_entity_poly.entity_id                      1 
_entity_poly.type                           'polypeptide(L)' 
_entity_poly.nstd_linkage                   no 
_entity_poly.nstd_monomer                   no 
_entity_poly.pdbx_seq_one_letter_code       RLQQWRKAALVLNASRRFRYTLDLK 
_entity_poly.pdbx_seq_one_letter_code_can   RLQQWRKAALVLNASRRFRYTLDLK 
_entity_poly.pdbx_strand_id                 A 
_entity_poly.pdbx_target_identifier         ? 
# 
loop_
_entity_poly_seq.entity_id 
_entity_poly_seq.num 
_entity_poly_seq.mon_id 
_entity_poly_seq.hetero 
1 1  ARG n 
1 2  LEU n 
1 3  GLN n 
1 4  GLN n 
1 5  TRP n 
1 6  ARG n 
1 7  LYS n 
1 8  ALA n 
1 9  ALA n 
1 10 LEU n 
1 11 VAL n 
1 12 LEU n 
1 13 ASN n 
1 14 ALA n 
1 15 SER n 
1 16 ARG n 
1 17 ARG n 
1 18 PHE n 
1 19 ARG n 
1 20 TYR n 
1 21 THR n 
1 22 LEU n 
1 23 ASP n 
1 24 LEU n 
1 25 LYS n 
# 
_entity_src_gen.entity_id                          1 
_entity_src_gen.pdbx_src_id                        1 
_entity_src_gen.pdbx_alt_source_flag               sample 
_entity_src_gen.pdbx_seq_type                      ? 
_entity_src_gen.pdbx_beg_seq_num                   ? 
_entity_src_gen.pdbx_end_seq_num                   ? 
_entity_src_gen.gene_src_common_name               'mouse-ear cress,thale-cress' 
_entity_src_gen.gene_src_genus                     ? 
_entity_src_gen.pdbx_gene_src_gene                 'ACA8, At5g57110, MUL3.5' 
_entity_src_gen.gene_src_species                   ? 
_entity_src_gen.gene_src_strain                    ? 
_entity_src_gen.gene_src_tissue                    ? 
_entity_src_gen.gene_src_tissue_fraction           ? 
_entity_src_gen.gene_src_details                   ? 
_entity_src_gen.pdbx_gene_src_fragment             ? 
_entity_src_gen.pdbx_gene_src_scientific_name      'Arabidopsis thaliana' 
_entity_src_gen.pdbx_gene_src_ncbi_taxonomy_id     3702 
_entity_src_gen.pdbx_gene_src_variant              ? 
_entity_src_gen.pdbx_gene_src_cell_line            ? 
_entity_src_gen.pdbx_gene_src_atcc                 ? 
_entity_src_gen.pdbx_gene_src_organ                ? 
_entity_src_gen.pdbx_gene_src_organelle            ? 
_entity_src_gen.pdbx_gene_src_cell                 ? 
_entity_src_gen.pdbx_gene_src_cellular_location    ? 
_entity_src_gen.host_org_common_name               ? 
_entity_src_gen.pdbx_host_org_scientific_name      'Escherichia coli' 
_entity_src_gen.pdbx_host_org_ncbi_taxonomy_id     562 
_entity_src_gen.host_org_genus                     ? 
_entity_src_gen.pdbx_host_org_gene                 ? 
_entity_src_gen.pdbx_host_org_organ                ? 
_entity_src_gen.host_org_species                   ? 
_entity_src_gen.pdbx_host_org_tissue               ? 
_entity_src_gen.pdbx_host_org_tissue_fraction      ? 
_entity_src_gen.pdbx_host_org_strain               ? 
_entity_src_gen.pdbx_host_org_variant              ? 
_entity_src_gen.pdbx_host_org_cell_line            ? 
_entity_src_gen.pdbx_host_org_atcc                 ? 
_entity_src_gen.pdbx_host_org_culture_collection   ? 
_entity_src_gen.pdbx_host_org_cell                 ? 
_entity_src_gen.pdbx_host_org_organelle            ? 
_entity_src_gen.pdbx_host_org_cellular_location    ? 
_entity_src_gen.pdbx_host_org_vector_type          ? 
_entity_src_gen.pdbx_host_org_vector               ? 
_entity_src_gen.host_org_details                   ? 
_entity_src_gen.expression_system_id               ? 
_entity_src_gen.plasmid_name                       ? 
_entity_src_gen.plasmid_details                    ? 
_entity_src_gen.pdbx_description                   ? 
# 
loop_
_chem_comp.id 
_chem_comp.type 
_chem_comp.mon_nstd_flag 
_chem_comp.name 
_chem_comp.pdbx_synonyms 
_chem_comp.formula 
_chem_comp.formula_weight 
ALA 'L-peptide linking' y ALANINE         ? 'C3 H7 N O2'     89.093  
ARG 'L-peptide linking' y ARGININE        ? 'C6 H15 N4 O2 1' 175.209 
ASN 'L-peptide linking' y ASPARAGINE      ? 'C4 H8 N2 O3'    132.118 
ASP 'L-peptide linking' y 'ASPARTIC ACID' ? 'C4 H7 N O4'     133.103 
GLN 'L-peptide linking' y GLUTAMINE       ? 'C5 H10 N2 O3'   146.144 
LEU 'L-peptide linking' y LEUCINE         ? 'C6 H13 N O2'    131.173 
LYS 'L-peptide linking' y LYSINE          ? 'C6 H15 N2 O2 1' 147.195 
PHE 'L-peptide linking' y PHENYLALANINE   ? 'C9 H11 N O2'    165.189 
SER 'L-peptide linking' y SERINE          ? 'C3 H7 N O3'     105.093 
THR 'L-peptide linking' y THREONINE       ? 'C4 H9 N O3'     119.119 
TRP 'L-peptide linking' y TRYPTOPHAN      ? 'C11 H12 N2 O2'  204.225 
TYR 'L-peptide linking' y TYROSINE        ? 'C9 H11 N O3'    181.189 
VAL 'L-peptide linking' y VALINE          ? 'C5 H11 N O2'    117.146 
# 
loop_
_pdbx_poly_seq_scheme.asym_id 
_pdbx_poly_seq_scheme.entity_id 
_pdbx_poly_seq_scheme.seq_id 
_pdbx_poly_seq_scheme.mon_id 
_pdbx_poly_seq_scheme.ndb_seq_num 
_pdbx_poly_seq_scheme.pdb_seq_num 
_pdbx_poly_seq_scheme.auth_seq_num 
_pdbx_poly_seq_scheme.pdb_mon_id 
_pdbx_poly_seq_scheme.auth_mon_id 
_pdbx_poly_seq_scheme.pdb_strand_id 
_pdbx_poly_seq_scheme.pdb_ins_code 
_pdbx_poly_seq_scheme.hetero 
A 1 1  ARG 1  1  1  ARG ARG A . n 
A 1 2  LEU 2  2  2  LEU LEU A . n 
A 1 3  GLN 3  3  3  GLN GLN A . n 
A 1 4  GLN 4  4  4  GLN GLN A . n 
A 1 5  TRP 5  5  5  TRP TRP A . n 
A 1 6  ARG 6  6  6  ARG ARG A . n 
A 1 7  LYS 7  7  7  LYS LYS A . n 
A 1 8  ALA 8  8  8  ALA ALA A . n 
A 1 9  ALA 9  9  9  ALA ALA A . n 
A 1 10 LEU 10 10 10 LEU LEU A . n 
A 1 11 VAL 11 11 11 VAL VAL A . n 
A 1 12 LEU 12 12 12 LEU LEU A . n 
A 1 13 ASN 13 13 13 ASN ASN A . n 
A 1 14 ALA 14 14 14 ALA ALA A . n 
A 1 15 SER 15 15 15 SER SER A . n 
A 1 16 ARG 16 16 16 ARG ARG A . n 
A 1 17 ARG 17 17 17 ARG ARG A . n 
A 1 18 PHE 18 18 18 PHE PHE A . n 
A 1 19 ARG 19 19 19 ARG ARG A . n 
A 1 20 TYR 20 20 20 TYR TYR A . n 
A 1 21 THR 21 21 21 THR THR A . n 
A 1 22 LEU 22 22 22 LEU LEU A . n 
A 1 23 ASP 23 23 23 ASP ASP A . n 
A 1 24 LEU 24 24 24 LEU LEU A . n 
A 1 25 LYS 25 25 25 LYS LYS A . n 
# 
_exptl.absorpt_coefficient_mu     ? 
_exptl.absorpt_correction_T_max   ? 
_exptl.absorpt_correction_T_min   ? 
_exptl.absorpt_correction_type    ? 
_exptl.absorpt_process_details    ? 
_exptl.crystals_number            ? 
_exptl.details                    ? 
_exptl.entry_id                   2M73 
_exptl.method                     'SOLUTION NMR' 
_exptl.method_details             ? 
# 
_struct.entry_id                  2M73 
_struct.title                     'solution structure of the calmodulin-binding domain of plant calcium-ATPase ACA8' 
_struct.pdbx_model_details        'lowest energy, model1' 
_struct.pdbx_CASP_flag            ? 
_struct.pdbx_model_type_details   ? 
# 
_struct_keywords.entry_id        2M73 
_struct_keywords.pdbx_keywords   'CALMODULIN-BINDING PROTEIN' 
_struct_keywords.text            'ACA8, plant calmodulin target, calmodulin taget, calcium-ATPase, CALMODULIN-BINDING PROTEIN' 
# 
_struct_asym.id                            A 
_struct_asym.pdbx_blank_PDB_chainid_flag   N 
_struct_asym.pdbx_modified                 N 
_struct_asym.entity_id                     1 
_struct_asym.details                       ? 
# 
_struct_ref.id                         1 
_struct_ref.db_name                    UNP 
_struct_ref.db_code                    ACA8_ARATH 
_struct_ref.pdbx_db_accession          Q9LF79 
_struct_ref.entity_id                  1 
_struct_ref.pdbx_seq_one_letter_code   RLQQWRKAALVLNASRRFRYTLDLK 
_struct_ref.pdbx_align_begin           43 
_struct_ref.pdbx_db_isoform            ? 
# 
_struct_ref_seq.align_id                      1 
_struct_ref_seq.ref_id                        1 
_struct_ref_seq.pdbx_PDB_id_code              2M73 
_struct_ref_seq.pdbx_strand_id                A 
_struct_ref_seq.seq_align_beg                 1 
_struct_ref_seq.pdbx_seq_align_beg_ins_code   ? 
_struct_ref_seq.seq_align_end                 25 
_struct_ref_seq.pdbx_seq_align_end_ins_code   ? 
_struct_ref_seq.pdbx_db_accession             Q9LF79 
_struct_ref_seq.db_align_beg                  43 
_struct_ref_seq.pdbx_db_align_beg_ins_code    ? 
_struct_ref_seq.db_align_end                  67 
_struct_ref_seq.pdbx_db_align_end_ins_code    ? 
_struct_ref_seq.pdbx_auth_seq_align_beg       1 
_struct_ref_seq.pdbx_auth_seq_align_end       25 
# 
_pdbx_struct_assembly.id                   1 
_pdbx_struct_assembly.details              author_defined_assembly 
_pdbx_struct_assembly.method_details       ? 
_pdbx_struct_assembly.oligomeric_details   monomeric 
_pdbx_struct_assembly.oligomeric_count     1 
# 
_pdbx_struct_assembly_gen.assembly_id       1 
_pdbx_struct_assembly_gen.oper_expression   1 
_pdbx_struct_assembly_gen.asym_id_list      A 
# 
_pdbx_struct_oper_list.id                   1 
_pdbx_struct_oper_list.type                 'identity operation' 
_pdbx_struct_oper_list.name                 1_555 
_pdbx_struct_oper_list.symmetry_operation   x,y,z 
_pdbx_struct_oper_list.matrix[1][1]         1.0000000000 
_pdbx_struct_oper_list.matrix[1][2]         0.0000000000 
_pdbx_struct_oper_list.matrix[1][3]         0.0000000000 
_pdbx_struct_oper_list.vector[1]            0.0000000000 
_pdbx_struct_oper_list.matrix[2][1]         0.0000000000 
_pdbx_struct_oper_list.matrix[2][2]         1.0000000000 
_pdbx_struct_oper_list.matrix[2][3]         0.0000000000 
_pdbx_struct_oper_list.vector[2]            0.0000000000 
_pdbx_struct_oper_list.matrix[3][1]         0.0000000000 
_pdbx_struct_oper_list.matrix[3][2]         0.0000000000 
_pdbx_struct_oper_list.matrix[3][3]         1.0000000000 
_pdbx_struct_oper_list.vector[3]            0.0000000000 
# 
_struct_biol.id        1 
_struct_biol.details   ? 
# 
loop_
_struct_conf.conf_type_id 
_struct_conf.id 
_struct_conf.pdbx_PDB_helix_id 
_struct_conf.beg_label_comp_id 
_struct_conf.beg_label_asym_id 
_struct_conf.beg_label_seq_id 
_struct_conf.pdbx_beg_PDB_ins_code 
_struct_conf.end_label_comp_id 
_struct_conf.end_label_asym_id 
_struct_conf.end_label_seq_id 
_struct_conf.pdbx_end_PDB_ins_code 
_struct_conf.beg_auth_comp_id 
_struct_conf.beg_auth_asym_id 
_struct_conf.beg_auth_seq_id 
_struct_conf.end_auth_comp_id 
_struct_conf.end_auth_asym_id 
_struct_conf.end_auth_seq_id 
_struct_conf.pdbx_PDB_helix_class 
_struct_conf.details 
_struct_conf.pdbx_PDB_helix_length 
HELX_P HELX_P1 1 ASN A 13 ? ARG A 16 ? ASN A 13 ARG A 16 5 ? 4 
HELX_P HELX_P2 2 ARG A 17 ? LEU A 24 ? ARG A 17 LEU A 24 1 ? 8 
# 
_struct_conf_type.id          HELX_P 
_struct_conf_type.criteria    ? 
_struct_conf_type.reference   ? 
# 
loop_
_pdbx_validate_torsion.id 
_pdbx_validate_torsion.PDB_model_num 
_pdbx_validate_torsion.auth_comp_id 
_pdbx_validate_torsion.auth_asym_id 
_pdbx_validate_torsion.auth_seq_id 
_pdbx_validate_torsion.PDB_ins_code 
_pdbx_validate_torsion.label_alt_id 
_pdbx_validate_torsion.phi 
_pdbx_validate_torsion.psi 
1 1 TRP A 5  ? ? -101.17 -65.42 
2 1 LEU A 10 ? ? -103.28 -60.16 
# 
_pdbx_nmr_ensemble.average_constraint_violations_per_residue     ? 
_pdbx_nmr_ensemble.average_constraints_per_residue               ? 
_pdbx_nmr_ensemble.average_distance_constraint_violation         ? 
_pdbx_nmr_ensemble.average_torsion_angle_constraint_violation    ? 
_pdbx_nmr_ensemble.conformer_selection_criteria                  'structures with the lowest energy' 
_pdbx_nmr_ensemble.conformers_calculated_total_number            200 
_pdbx_nmr_ensemble.conformers_submitted_total_number             1 
_pdbx_nmr_ensemble.distance_constraint_violation_method          ? 
_pdbx_nmr_ensemble.entry_id                                      2M73 
_pdbx_nmr_ensemble.maximum_distance_constraint_violation         ? 
_pdbx_nmr_ensemble.maximum_lower_distance_constraint_violation   ? 
_pdbx_nmr_ensemble.maximum_torsion_angle_constraint_violation    ? 
_pdbx_nmr_ensemble.maximum_upper_distance_constraint_violation   ? 
_pdbx_nmr_ensemble.torsion_angle_constraint_violation_method     ? 
# 
_pdbx_nmr_representative.conformer_id         1 
_pdbx_nmr_representative.entry_id             2M73 
_pdbx_nmr_representative.selection_criteria   'lowest energy' 
# 
_pdbx_nmr_sample_details.contents         
'10 % [U-100% 2H] D2O, 5 mM [U-100% 2H] DSS, 60 % H2O, 30 % [U-100% 2H] TFE, 10 mM [U-100% 2H] DTT, trifluoroethanol/water' 
_pdbx_nmr_sample_details.solution_id      1 
_pdbx_nmr_sample_details.solvent_system   trifluoroethanol/water 
# 
loop_
_pdbx_nmr_exptl_sample.component 
_pdbx_nmr_exptl_sample.concentration 
_pdbx_nmr_exptl_sample.concentration_range 
_pdbx_nmr_exptl_sample.concentration_units 
_pdbx_nmr_exptl_sample.isotopic_labeling 
_pdbx_nmr_exptl_sample.solution_id 
D2O-1 10 ? %  '[U-100% 2H]' 1 
DSS-2 5  ? mM '[U-100% 2H]' 1 
H2O-3 60 ? %  ?             1 
TFE-4 30 ? %  '[U-100% 2H]' 1 
DTT-5 10 ? mM '[U-100% 2H]' 1 
# 
_pdbx_nmr_exptl_sample_conditions.conditions_id       1 
_pdbx_nmr_exptl_sample_conditions.ionic_strength      0 
_pdbx_nmr_exptl_sample_conditions.pH                  4.2 
_pdbx_nmr_exptl_sample_conditions.pressure            ambient 
_pdbx_nmr_exptl_sample_conditions.pressure_units      ? 
_pdbx_nmr_exptl_sample_conditions.temperature         303 
_pdbx_nmr_exptl_sample_conditions.temperature_units   K 
# 
loop_
_pdbx_nmr_exptl.conditions_id 
_pdbx_nmr_exptl.experiment_id 
_pdbx_nmr_exptl.solution_id 
_pdbx_nmr_exptl.type 
1 1 1 '2D 1H-1H TOCSY' 
1 2 1 '2D DQF-COSY'    
1 3 1 '2D 1H-1H NOESY' 
# 
_pdbx_nmr_refine.entry_id           2M73 
_pdbx_nmr_refine.method             'torsion angle dynamics' 
_pdbx_nmr_refine.details            ? 
_pdbx_nmr_refine.software_ordinal   1 
# 
loop_
_pdbx_nmr_software.authors 
_pdbx_nmr_software.classification 
_pdbx_nmr_software.name 
_pdbx_nmr_software.version 
_pdbx_nmr_software.ordinal 
'Guntert, Mumenthaler and Wuthrich' 'structure solution' CYANA ? 1 
?                                   refinement           CYANA ? 2 
# 
loop_
_chem_comp_atom.comp_id 
_chem_comp_atom.atom_id 
_chem_comp_atom.type_symbol 
_chem_comp_atom.pdbx_aromatic_flag 
_chem_comp_atom.pdbx_stereo_config 
_chem_comp_atom.pdbx_ordinal 
ALA N    N N N 1   
ALA CA   C N S 2   
ALA C    C N N 3   
ALA O    O N N 4   
ALA CB   C N N 5   
ALA OXT  O N N 6   
ALA H    H N N 7   
ALA H2   H N N 8   
ALA HA   H N N 9   
ALA HB1  H N N 10  
ALA HB2  H N N 11  
ALA HB3  H N N 12  
ALA HXT  H N N 13  
ARG N    N N N 14  
ARG CA   C N S 15  
ARG C    C N N 16  
ARG O    O N N 17  
ARG CB   C N N 18  
ARG CG   C N N 19  
ARG CD   C N N 20  
ARG NE   N N N 21  
ARG CZ   C N N 22  
ARG NH1  N N N 23  
ARG NH2  N N N 24  
ARG OXT  O N N 25  
ARG H    H N N 26  
ARG H2   H N N 27  
ARG HA   H N N 28  
ARG HB2  H N N 29  
ARG HB3  H N N 30  
ARG HG2  H N N 31  
ARG HG3  H N N 32  
ARG HD2  H N N 33  
ARG HD3  H N N 34  
ARG HE   H N N 35  
ARG HH11 H N N 36  
ARG HH12 H N N 37  
ARG HH21 H N N 38  
ARG HH22 H N N 39  
ARG HXT  H N N 40  
ASN N    N N N 41  
ASN CA   C N S 42  
ASN C    C N N 43  
ASN O    O N N 44  
ASN CB   C N N 45  
ASN CG   C N N 46  
ASN OD1  O N N 47  
ASN ND2  N N N 48  
ASN OXT  O N N 49  
ASN H    H N N 50  
ASN H2   H N N 51  
ASN HA   H N N 52  
ASN HB2  H N N 53  
ASN HB3  H N N 54  
ASN HD21 H N N 55  
ASN HD22 H N N 56  
ASN HXT  H N N 57  
ASP N    N N N 58  
ASP CA   C N S 59  
ASP C    C N N 60  
ASP O    O N N 61  
ASP CB   C N N 62  
ASP CG   C N N 63  
ASP OD1  O N N 64  
ASP OD2  O N N 65  
ASP OXT  O N N 66  
ASP H    H N N 67  
ASP H2   H N N 68  
ASP HA   H N N 69  
ASP HB2  H N N 70  
ASP HB3  H N N 71  
ASP HD2  H N N 72  
ASP HXT  H N N 73  
GLN N    N N N 74  
GLN CA   C N S 75  
GLN C    C N N 76  
GLN O    O N N 77  
GLN CB   C N N 78  
GLN CG   C N N 79  
GLN CD   C N N 80  
GLN OE1  O N N 81  
GLN NE2  N N N 82  
GLN OXT  O N N 83  
GLN H    H N N 84  
GLN H2   H N N 85  
GLN HA   H N N 86  
GLN HB2  H N N 87  
GLN HB3  H N N 88  
GLN HG2  H N N 89  
GLN HG3  H N N 90  
GLN HE21 H N N 91  
GLN HE22 H N N 92  
GLN HXT  H N N 93  
LEU N    N N N 94  
LEU CA   C N S 95  
LEU C    C N N 96  
LEU O    O N N 97  
LEU CB   C N N 98  
LEU CG   C N N 99  
LEU CD1  C N N 100 
LEU CD2  C N N 101 
LEU OXT  O N N 102 
LEU H    H N N 103 
LEU H2   H N N 104 
LEU HA   H N N 105 
LEU HB2  H N N 106 
LEU HB3  H N N 107 
LEU HG   H N N 108 
LEU HD11 H N N 109 
LEU HD12 H N N 110 
LEU HD13 H N N 111 
LEU HD21 H N N 112 
LEU HD22 H N N 113 
LEU HD23 H N N 114 
LEU HXT  H N N 115 
LYS N    N N N 116 
LYS CA   C N S 117 
LYS C    C N N 118 
LYS O    O N N 119 
LYS CB   C N N 120 
LYS CG   C N N 121 
LYS CD   C N N 122 
LYS CE   C N N 123 
LYS NZ   N N N 124 
LYS OXT  O N N 125 
LYS H    H N N 126 
LYS H2   H N N 127 
LYS HA   H N N 128 
LYS HB2  H N N 129 
LYS HB3  H N N 130 
LYS HG2  H N N 131 
LYS HG3  H N N 132 
LYS HD2  H N N 133 
LYS HD3  H N N 134 
LYS HE2  H N N 135 
LYS HE3  H N N 136 
LYS HZ1  H N N 137 
LYS HZ2  H N N 138 
LYS HZ3  H N N 139 
LYS HXT  H N N 140 
PHE N    N N N 141 
PHE CA   C N S 142 
PHE C    C N N 143 
PHE O    O N N 144 
PHE CB   C N N 145 
PHE CG   C Y N 146 
PHE CD1  C Y N 147 
PHE CD2  C Y N 148 
PHE CE1  C Y N 149 
PHE CE2  C Y N 150 
PHE CZ   C Y N 151 
PHE OXT  O N N 152 
PHE H    H N N 153 
PHE H2   H N N 154 
PHE HA   H N N 155 
PHE HB2  H N N 156 
PHE HB3  H N N 157 
PHE HD1  H N N 158 
PHE HD2  H N N 159 
PHE HE1  H N N 160 
PHE HE2  H N N 161 
PHE HZ   H N N 162 
PHE HXT  H N N 163 
SER N    N N N 164 
SER CA   C N S 165 
SER C    C N N 166 
SER O    O N N 167 
SER CB   C N N 168 
SER OG   O N N 169 
SER OXT  O N N 170 
SER H    H N N 171 
SER H2   H N N 172 
SER HA   H N N 173 
SER HB2  H N N 174 
SER HB3  H N N 175 
SER HG   H N N 176 
SER HXT  H N N 177 
THR N    N N N 178 
THR CA   C N S 179 
THR C    C N N 180 
THR O    O N N 181 
THR CB   C N R 182 
THR OG1  O N N 183 
THR CG2  C N N 184 
THR OXT  O N N 185 
THR H    H N N 186 
THR H2   H N N 187 
THR HA   H N N 188 
THR HB   H N N 189 
THR HG1  H N N 190 
THR HG21 H N N 191 
THR HG22 H N N 192 
THR HG23 H N N 193 
THR HXT  H N N 194 
TRP N    N N N 195 
TRP CA   C N S 196 
TRP C    C N N 197 
TRP O    O N N 198 
TRP CB   C N N 199 
TRP CG   C Y N 200 
TRP CD1  C Y N 201 
TRP CD2  C Y N 202 
TRP NE1  N Y N 203 
TRP CE2  C Y N 204 
TRP CE3  C Y N 205 
TRP CZ2  C Y N 206 
TRP CZ3  C Y N 207 
TRP CH2  C Y N 208 
TRP OXT  O N N 209 
TRP H    H N N 210 
TRP H2   H N N 211 
TRP HA   H N N 212 
TRP HB2  H N N 213 
TRP HB3  H N N 214 
TRP HD1  H N N 215 
TRP HE1  H N N 216 
TRP HE3  H N N 217 
TRP HZ2  H N N 218 
TRP HZ3  H N N 219 
TRP HH2  H N N 220 
TRP HXT  H N N 221 
TYR N    N N N 222 
TYR CA   C N S 223 
TYR C    C N N 224 
TYR O    O N N 225 
TYR CB   C N N 226 
TYR CG   C Y N 227 
TYR CD1  C Y N 228 
TYR CD2  C Y N 229 
TYR CE1  C Y N 230 
TYR CE2  C Y N 231 
TYR CZ   C Y N 232 
TYR OH   O N N 233 
TYR OXT  O N N 234 
TYR H    H N N 235 
TYR H2   H N N 236 
TYR HA   H N N 237 
TYR HB2  H N N 238 
TYR HB3  H N N 239 
TYR HD1  H N N 240 
TYR HD2  H N N 241 
TYR HE1  H N N 242 
TYR HE2  H N N 243 
TYR HH   H N N 244 
TYR HXT  H N N 245 
VAL N    N N N 246 
VAL CA   C N S 247 
VAL C    C N N 248 
VAL O    O N N 249 
VAL CB   C N N 250 
VAL CG1  C N N 251 
VAL CG2  C N N 252 
VAL OXT  O N N 253 
VAL H    H N N 254 
VAL H2   H N N 255 
VAL HA   H N N 256 
VAL HB   H N N 257 
VAL HG11 H N N 258 
VAL HG12 H N N 259 
VAL HG13 H N N 260 
VAL HG21 H N N 261 
VAL HG22 H N N 262 
VAL HG23 H N N 263 
VAL HXT  H N N 264 
# 
loop_
_chem_comp_bond.comp_id 
_chem_comp_bond.atom_id_1 
_chem_comp_bond.atom_id_2 
_chem_comp_bond.value_order 
_chem_comp_bond.pdbx_aromatic_flag 
_chem_comp_bond.pdbx_stereo_config 
_chem_comp_bond.pdbx_ordinal 
ALA N   CA   sing N N 1   
ALA N   H    sing N N 2   
ALA N   H2   sing N N 3   
ALA CA  C    sing N N 4   
ALA CA  CB   sing N N 5   
ALA CA  HA   sing N N 6   
ALA C   O    doub N N 7   
ALA C   OXT  sing N N 8   
ALA CB  HB1  sing N N 9   
ALA CB  HB2  sing N N 10  
ALA CB  HB3  sing N N 11  
ALA OXT HXT  sing N N 12  
ARG N   CA   sing N N 13  
ARG N   H    sing N N 14  
ARG N   H2   sing N N 15  
ARG CA  C    sing N N 16  
ARG CA  CB   sing N N 17  
ARG CA  HA   sing N N 18  
ARG C   O    doub N N 19  
ARG C   OXT  sing N N 20  
ARG CB  CG   sing N N 21  
ARG CB  HB2  sing N N 22  
ARG CB  HB3  sing N N 23  
ARG CG  CD   sing N N 24  
ARG CG  HG2  sing N N 25  
ARG CG  HG3  sing N N 26  
ARG CD  NE   sing N N 27  
ARG CD  HD2  sing N N 28  
ARG CD  HD3  sing N N 29  
ARG NE  CZ   sing N N 30  
ARG NE  HE   sing N N 31  
ARG CZ  NH1  sing N N 32  
ARG CZ  NH2  doub N N 33  
ARG NH1 HH11 sing N N 34  
ARG NH1 HH12 sing N N 35  
ARG NH2 HH21 sing N N 36  
ARG NH2 HH22 sing N N 37  
ARG OXT HXT  sing N N 38  
ASN N   CA   sing N N 39  
ASN N   H    sing N N 40  
ASN N   H2   sing N N 41  
ASN CA  C    sing N N 42  
ASN CA  CB   sing N N 43  
ASN CA  HA   sing N N 44  
ASN C   O    doub N N 45  
ASN C   OXT  sing N N 46  
ASN CB  CG   sing N N 47  
ASN CB  HB2  sing N N 48  
ASN CB  HB3  sing N N 49  
ASN CG  OD1  doub N N 50  
ASN CG  ND2  sing N N 51  
ASN ND2 HD21 sing N N 52  
ASN ND2 HD22 sing N N 53  
ASN OXT HXT  sing N N 54  
ASP N   CA   sing N N 55  
ASP N   H    sing N N 56  
ASP N   H2   sing N N 57  
ASP CA  C    sing N N 58  
ASP CA  CB   sing N N 59  
ASP CA  HA   sing N N 60  
ASP C   O    doub N N 61  
ASP C   OXT  sing N N 62  
ASP CB  CG   sing N N 63  
ASP CB  HB2  sing N N 64  
ASP CB  HB3  sing N N 65  
ASP CG  OD1  doub N N 66  
ASP CG  OD2  sing N N 67  
ASP OD2 HD2  sing N N 68  
ASP OXT HXT  sing N N 69  
GLN N   CA   sing N N 70  
GLN N   H    sing N N 71  
GLN N   H2   sing N N 72  
GLN CA  C    sing N N 73  
GLN CA  CB   sing N N 74  
GLN CA  HA   sing N N 75  
GLN C   O    doub N N 76  
GLN C   OXT  sing N N 77  
GLN CB  CG   sing N N 78  
GLN CB  HB2  sing N N 79  
GLN CB  HB3  sing N N 80  
GLN CG  CD   sing N N 81  
GLN CG  HG2  sing N N 82  
GLN CG  HG3  sing N N 83  
GLN CD  OE1  doub N N 84  
GLN CD  NE2  sing N N 85  
GLN NE2 HE21 sing N N 86  
GLN NE2 HE22 sing N N 87  
GLN OXT HXT  sing N N 88  
LEU N   CA   sing N N 89  
LEU N   H    sing N N 90  
LEU N   H2   sing N N 91  
LEU CA  C    sing N N 92  
LEU CA  CB   sing N N 93  
LEU CA  HA   sing N N 94  
LEU C   O    doub N N 95  
LEU C   OXT  sing N N 96  
LEU CB  CG   sing N N 97  
LEU CB  HB2  sing N N 98  
LEU CB  HB3  sing N N 99  
LEU CG  CD1  sing N N 100 
LEU CG  CD2  sing N N 101 
LEU CG  HG   sing N N 102 
LEU CD1 HD11 sing N N 103 
LEU CD1 HD12 sing N N 104 
LEU CD1 HD13 sing N N 105 
LEU CD2 HD21 sing N N 106 
LEU CD2 HD22 sing N N 107 
LEU CD2 HD23 sing N N 108 
LEU OXT HXT  sing N N 109 
LYS N   CA   sing N N 110 
LYS N   H    sing N N 111 
LYS N   H2   sing N N 112 
LYS CA  C    sing N N 113 
LYS CA  CB   sing N N 114 
LYS CA  HA   sing N N 115 
LYS C   O    doub N N 116 
LYS C   OXT  sing N N 117 
LYS CB  CG   sing N N 118 
LYS CB  HB2  sing N N 119 
LYS CB  HB3  sing N N 120 
LYS CG  CD   sing N N 121 
LYS CG  HG2  sing N N 122 
LYS CG  HG3  sing N N 123 
LYS CD  CE   sing N N 124 
LYS CD  HD2  sing N N 125 
LYS CD  HD3  sing N N 126 
LYS CE  NZ   sing N N 127 
LYS CE  HE2  sing N N 128 
LYS CE  HE3  sing N N 129 
LYS NZ  HZ1  sing N N 130 
LYS NZ  HZ2  sing N N 131 
LYS NZ  HZ3  sing N N 132 
LYS OXT HXT  sing N N 133 
PHE N   CA   sing N N 134 
PHE N   H    sing N N 135 
PHE N   H2   sing N N 136 
PHE CA  C    sing N N 137 
PHE CA  CB   sing N N 138 
PHE CA  HA   sing N N 139 
PHE C   O    doub N N 140 
PHE C   OXT  sing N N 141 
PHE CB  CG   sing N N 142 
PHE CB  HB2  sing N N 143 
PHE CB  HB3  sing N N 144 
PHE CG  CD1  doub Y N 145 
PHE CG  CD2  sing Y N 146 
PHE CD1 CE1  sing Y N 147 
PHE CD1 HD1  sing N N 148 
PHE CD2 CE2  doub Y N 149 
PHE CD2 HD2  sing N N 150 
PHE CE1 CZ   doub Y N 151 
PHE CE1 HE1  sing N N 152 
PHE CE2 CZ   sing Y N 153 
PHE CE2 HE2  sing N N 154 
PHE CZ  HZ   sing N N 155 
PHE OXT HXT  sing N N 156 
SER N   CA   sing N N 157 
SER N   H    sing N N 158 
SER N   H2   sing N N 159 
SER CA  C    sing N N 160 
SER CA  CB   sing N N 161 
SER CA  HA   sing N N 162 
SER C   O    doub N N 163 
SER C   OXT  sing N N 164 
SER CB  OG   sing N N 165 
SER CB  HB2  sing N N 166 
SER CB  HB3  sing N N 167 
SER OG  HG   sing N N 168 
SER OXT HXT  sing N N 169 
THR N   CA   sing N N 170 
THR N   H    sing N N 171 
THR N   H2   sing N N 172 
THR CA  C    sing N N 173 
THR CA  CB   sing N N 174 
THR CA  HA   sing N N 175 
THR C   O    doub N N 176 
THR C   OXT  sing N N 177 
THR CB  OG1  sing N N 178 
THR CB  CG2  sing N N 179 
THR CB  HB   sing N N 180 
THR OG1 HG1  sing N N 181 
THR CG2 HG21 sing N N 182 
THR CG2 HG22 sing N N 183 
THR CG2 HG23 sing N N 184 
THR OXT HXT  sing N N 185 
TRP N   CA   sing N N 186 
TRP N   H    sing N N 187 
TRP N   H2   sing N N 188 
TRP CA  C    sing N N 189 
TRP CA  CB   sing N N 190 
TRP CA  HA   sing N N 191 
TRP C   O    doub N N 192 
TRP C   OXT  sing N N 193 
TRP CB  CG   sing N N 194 
TRP CB  HB2  sing N N 195 
TRP CB  HB3  sing N N 196 
TRP CG  CD1  doub Y N 197 
TRP CG  CD2  sing Y N 198 
TRP CD1 NE1  sing Y N 199 
TRP CD1 HD1  sing N N 200 
TRP CD2 CE2  doub Y N 201 
TRP CD2 CE3  sing Y N 202 
TRP NE1 CE2  sing Y N 203 
TRP NE1 HE1  sing N N 204 
TRP CE2 CZ2  sing Y N 205 
TRP CE3 CZ3  doub Y N 206 
TRP CE3 HE3  sing N N 207 
TRP CZ2 CH2  doub Y N 208 
TRP CZ2 HZ2  sing N N 209 
TRP CZ3 CH2  sing Y N 210 
TRP CZ3 HZ3  sing N N 211 
TRP CH2 HH2  sing N N 212 
TRP OXT HXT  sing N N 213 
TYR N   CA   sing N N 214 
TYR N   H    sing N N 215 
TYR N   H2   sing N N 216 
TYR CA  C    sing N N 217 
TYR CA  CB   sing N N 218 
TYR CA  HA   sing N N 219 
TYR C   O    doub N N 220 
TYR C   OXT  sing N N 221 
TYR CB  CG   sing N N 222 
TYR CB  HB2  sing N N 223 
TYR CB  HB3  sing N N 224 
TYR CG  CD1  doub Y N 225 
TYR CG  CD2  sing Y N 226 
TYR CD1 CE1  sing Y N 227 
TYR CD1 HD1  sing N N 228 
TYR CD2 CE2  doub Y N 229 
TYR CD2 HD2  sing N N 230 
TYR CE1 CZ   doub Y N 231 
TYR CE1 HE1  sing N N 232 
TYR CE2 CZ   sing Y N 233 
TYR CE2 HE2  sing N N 234 
TYR CZ  OH   sing N N 235 
TYR OH  HH   sing N N 236 
TYR OXT HXT  sing N N 237 
VAL N   CA   sing N N 238 
VAL N   H    sing N N 239 
VAL N   H2   sing N N 240 
VAL CA  C    sing N N 241 
VAL CA  CB   sing N N 242 
VAL CA  HA   sing N N 243 
VAL C   O    doub N N 244 
VAL C   OXT  sing N N 245 
VAL CB  CG1  sing N N 246 
VAL CB  CG2  sing N N 247 
VAL CB  HB   sing N N 248 
VAL CG1 HG11 sing N N 249 
VAL CG1 HG12 sing N N 250 
VAL CG1 HG13 sing N N 251 
VAL CG2 HG21 sing N N 252 
VAL CG2 HG22 sing N N 253 
VAL CG2 HG23 sing N N 254 
VAL OXT HXT  sing N N 255 
# 
_pdbx_nmr_spectrometer.field_strength    500 
_pdbx_nmr_spectrometer.manufacturer      Bruker 
_pdbx_nmr_spectrometer.model             AVANCE 
_pdbx_nmr_spectrometer.spectrometer_id   1 
_pdbx_nmr_spectrometer.type              'Bruker Avance' 
# 
_atom_sites.entry_id                    2M73 
_atom_sites.fract_transf_matrix[1][1]   1.000000 
_atom_sites.fract_transf_matrix[1][2]   0.000000 
_atom_sites.fract_transf_matrix[1][3]   0.000000 
_atom_sites.fract_transf_matrix[2][1]   0.000000 
_atom_sites.fract_transf_matrix[2][2]   1.000000 
_atom_sites.fract_transf_matrix[2][3]   0.000000 
_atom_sites.fract_transf_matrix[3][1]   0.000000 
_atom_sites.fract_transf_matrix[3][2]   0.000000 
_atom_sites.fract_transf_matrix[3][3]   1.000000 
_atom_sites.fract_transf_vector[1]      0.00000 
_atom_sites.fract_transf_vector[2]      0.00000 
_atom_sites.fract_transf_vector[3]      0.00000 
# 
loop_
_atom_type.symbol 
C 
H 
N 
O 
# 
loop_
_atom_site.group_PDB 
_atom_site.id 
_atom_site.type_symbol 
_atom_site.label_atom_id 
_atom_site.label_alt_id 
_atom_site.label_comp_id 
_atom_site.label_asym_id 
_atom_site.label_entity_id 
_atom_site.label_seq_id 
_atom_site.pdbx_PDB_ins_code 
_atom_site.Cartn_x 
_atom_site.Cartn_y 
_atom_site.Cartn_z 
_atom_site.occupancy 
_atom_site.B_iso_or_equiv 
_atom_site.pdbx_formal_charge 
_atom_site.auth_seq_id 
_atom_site.auth_comp_id 
_atom_site.auth_asym_id 
_atom_site.auth_atom_id 
_atom_site.pdbx_PDB_model_num 
ATOM 1   N N    . ARG A 1 1  ? 17.967  -4.731  4.408   1.00 0.00  ? 1  ARG A N    1 
ATOM 2   C CA   . ARG A 1 1  ? 17.867  -4.563  2.963   1.00 20.13 ? 1  ARG A CA   1 
ATOM 3   C C    . ARG A 1 1  ? 16.692  -3.660  2.601   1.00 12.31 ? 1  ARG A C    1 
ATOM 4   O O    . ARG A 1 1  ? 15.654  -3.677  3.264   1.00 62.44 ? 1  ARG A O    1 
ATOM 5   C CB   . ARG A 1 1  ? 17.707  -5.923  2.281   1.00 20.22 ? 1  ARG A CB   1 
ATOM 6   C CG   . ARG A 1 1  ? 19.024  -6.643  2.043   1.00 64.21 ? 1  ARG A CG   1 
ATOM 7   C CD   . ARG A 1 1  ? 18.905  -7.667  0.923   1.00 15.04 ? 1  ARG A CD   1 
ATOM 8   N NE   . ARG A 1 1  ? 18.513  -8.982  1.425   1.00 60.25 ? 1  ARG A NE   1 
ATOM 9   C CZ   . ARG A 1 1  ? 18.302  -10.033 0.641   1.00 72.54 ? 1  ARG A CZ   1 
ATOM 10  N NH1  . ARG A 1 1  ? 18.444  -9.924  -0.673  1.00 20.31 ? 1  ARG A NH1  1 
ATOM 11  N NH2  . ARG A 1 1  ? 17.948  -11.197 1.171   1.00 34.43 ? 1  ARG A NH2  1 
ATOM 12  H H1   . ARG A 1 1  ? 18.276  -5.587  4.770   1.00 24.14 ? 1  ARG A H1   1 
ATOM 13  H HA   . ARG A 1 1  ? 18.780  -4.102  2.618   1.00 2.05  ? 1  ARG A HA   1 
ATOM 14  H HB2  . ARG A 1 1  ? 17.085  -6.553  2.900   1.00 0.34  ? 1  ARG A HB2  1 
ATOM 15  H HB3  . ARG A 1 1  ? 17.223  -5.779  1.328   1.00 71.44 ? 1  ARG A HB3  1 
ATOM 16  H HG2  . ARG A 1 1  ? 19.777  -5.917  1.771   1.00 35.32 ? 1  ARG A HG2  1 
ATOM 17  H HG3  . ARG A 1 1  ? 19.318  -7.148  2.950   1.00 31.32 ? 1  ARG A HG3  1 
ATOM 18  H HD2  . ARG A 1 1  ? 18.162  -7.324  0.219   1.00 61.43 ? 1  ARG A HD2  1 
ATOM 19  H HD3  . ARG A 1 1  ? 19.860  -7.750  0.428   1.00 63.55 ? 1  ARG A HD3  1 
ATOM 20  H HE   . ARG A 1 1  ? 18.402  -9.084  2.392   1.00 31.14 ? 1  ARG A HE   1 
ATOM 21  H HH11 . ARG A 1 1  ? 18.711  -9.049  -1.075  1.00 12.11 ? 1  ARG A HH11 1 
ATOM 22  H HH12 . ARG A 1 1  ? 18.284  -10.718 -1.260  1.00 3.21  ? 1  ARG A HH12 1 
ATOM 23  H HH21 . ARG A 1 1  ? 17.839  -11.282 2.161   1.00 11.20 ? 1  ARG A HH21 1 
ATOM 24  H HH22 . ARG A 1 1  ? 17.788  -11.987 0.581   1.00 23.12 ? 1  ARG A HH22 1 
ATOM 25  N N    . LEU A 1 2  ? 16.864  -2.870  1.546   1.00 33.50 ? 2  LEU A N    1 
ATOM 26  C CA   . LEU A 1 2  ? 15.817  -1.958  1.096   1.00 40.02 ? 2  LEU A CA   1 
ATOM 27  C C    . LEU A 1 2  ? 14.514  -2.708  0.840   1.00 20.42 ? 2  LEU A C    1 
ATOM 28  O O    . LEU A 1 2  ? 13.427  -2.166  1.036   1.00 35.33 ? 2  LEU A O    1 
ATOM 29  C CB   . LEU A 1 2  ? 16.260  -1.232  -0.176  1.00 21.34 ? 2  LEU A CB   1 
ATOM 30  C CG   . LEU A 1 2  ? 15.495  0.047   -0.519  1.00 11.32 ? 2  LEU A CG   1 
ATOM 31  C CD1  . LEU A 1 2  ? 16.459  1.151   -0.927  1.00 71.42 ? 2  LEU A CD1  1 
ATOM 32  C CD2  . LEU A 1 2  ? 14.484  -0.216  -1.625  1.00 34.14 ? 2  LEU A CD2  1 
ATOM 33  H H    . LEU A 1 2  ? 17.712  -2.900  1.059   1.00 25.13 ? 2  LEU A H    1 
ATOM 34  H HA   . LEU A 1 2  ? 15.653  -1.231  1.877   1.00 60.23 ? 2  LEU A HA   1 
ATOM 35  H HB2  . LEU A 1 2  ? 17.302  -0.975  -0.064  1.00 52.01 ? 2  LEU A HB2  1 
ATOM 36  H HB3  . LEU A 1 2  ? 16.147  -1.918  -1.003  1.00 21.43 ? 2  LEU A HB3  1 
ATOM 37  H HG   . LEU A 1 2  ? 14.956  0.382   0.357   1.00 0.40  ? 2  LEU A HG   1 
ATOM 38  H HD11 . LEU A 1 2  ? 17.430  0.958   -0.497  1.00 42.02 ? 2  LEU A HD11 1 
ATOM 39  H HD12 . LEU A 1 2  ? 16.090  2.101   -0.570  1.00 22.10 ? 2  LEU A HD12 1 
ATOM 40  H HD13 . LEU A 1 2  ? 16.539  1.178   -2.004  1.00 42.31 ? 2  LEU A HD13 1 
ATOM 41  H HD21 . LEU A 1 2  ? 13.495  0.047   -1.278  1.00 14.41 ? 2  LEU A HD21 1 
ATOM 42  H HD22 . LEU A 1 2  ? 14.505  -1.263  -1.889  1.00 41.05 ? 2  LEU A HD22 1 
ATOM 43  H HD23 . LEU A 1 2  ? 14.734  0.379   -2.490  1.00 43.14 ? 2  LEU A HD23 1 
ATOM 44  N N    . GLN A 1 3  ? 14.632  -3.958  0.402   1.00 0.52  ? 3  GLN A N    1 
ATOM 45  C CA   . GLN A 1 3  ? 13.463  -4.782  0.121   1.00 34.15 ? 3  GLN A CA   1 
ATOM 46  C C    . GLN A 1 3  ? 12.569  -4.897  1.352   1.00 41.22 ? 3  GLN A C    1 
ATOM 47  O O    . GLN A 1 3  ? 13.038  -5.229  2.441   1.00 74.52 ? 3  GLN A O    1 
ATOM 48  C CB   . GLN A 1 3  ? 13.894  -6.174  -0.342  1.00 42.11 ? 3  GLN A CB   1 
ATOM 49  C CG   . GLN A 1 3  ? 12.919  -6.821  -1.312  1.00 64.14 ? 3  GLN A CG   1 
ATOM 50  C CD   . GLN A 1 3  ? 11.772  -7.520  -0.608  1.00 75.22 ? 3  GLN A CD   1 
ATOM 51  O OE1  . GLN A 1 3  ? 11.962  -8.547  0.044   1.00 65.34 ? 3  GLN A OE1  1 
ATOM 52  N NE2  . GLN A 1 3  ? 10.572  -6.965  -0.735  1.00 53.44 ? 3  GLN A NE2  1 
ATOM 53  H H    . GLN A 1 3  ? 15.527  -4.333  0.265   1.00 23.43 ? 3  GLN A H    1 
ATOM 54  H HA   . GLN A 1 3  ? 12.904  -4.305  -0.670  1.00 4.34  ? 3  GLN A HA   1 
ATOM 55  H HB2  . GLN A 1 3  ? 14.854  -6.097  -0.829  1.00 4.32  ? 3  GLN A HB2  1 
ATOM 56  H HB3  . GLN A 1 3  ? 13.987  -6.816  0.522   1.00 42.41 ? 3  GLN A HB3  1 
ATOM 57  H HG2  . GLN A 1 3  ? 12.512  -6.056  -1.958  1.00 22.15 ? 3  GLN A HG2  1 
ATOM 58  H HG3  . GLN A 1 3  ? 13.451  -7.548  -1.908  1.00 41.54 ? 3  GLN A HG3  1 
ATOM 59  H HE21 . GLN A 1 3  ? 10.496  -6.146  -1.271  1.00 22.11 ? 3  GLN A HE21 1 
ATOM 60  H HE22 . GLN A 1 3  ? 9.813   -7.394  -0.291  1.00 4.23  ? 3  GLN A HE22 1 
ATOM 61  N N    . GLN A 1 4  ? 11.282  -4.621  1.170   1.00 15.00 ? 4  GLN A N    1 
ATOM 62  C CA   . GLN A 1 4  ? 10.324  -4.692  2.267   1.00 2.02  ? 4  GLN A CA   1 
ATOM 63  C C    . GLN A 1 4  ? 10.640  -3.650  3.335   1.00 31.13 ? 4  GLN A C    1 
ATOM 64  O O    . GLN A 1 4  ? 10.137  -3.725  4.457   1.00 1.42  ? 4  GLN A O    1 
ATOM 65  C CB   . GLN A 1 4  ? 10.329  -6.091  2.886   1.00 12.10 ? 4  GLN A CB   1 
ATOM 66  C CG   . GLN A 1 4  ? 9.072   -6.410  3.679   1.00 61.54 ? 4  GLN A CG   1 
ATOM 67  C CD   . GLN A 1 4  ? 8.485   -7.762  3.325   1.00 22.12 ? 4  GLN A CD   1 
ATOM 68  O OE1  . GLN A 1 4  ? 7.276   -7.898  3.140   1.00 44.13 ? 4  GLN A OE1  1 
ATOM 69  N NE2  . GLN A 1 4  ? 9.342   -8.773  3.230   1.00 40.03 ? 4  GLN A NE2  1 
ATOM 70  H H    . GLN A 1 4  ? 10.970  -4.362  0.279   1.00 14.44 ? 4  GLN A H    1 
ATOM 71  H HA   . GLN A 1 4  ? 9.343   -4.490  1.865   1.00 42.22 ? 4  GLN A HA   1 
ATOM 72  H HB2  . GLN A 1 4  ? 10.425  -6.821  2.096   1.00 31.10 ? 4  GLN A HB2  1 
ATOM 73  H HB3  . GLN A 1 4  ? 11.177  -6.177  3.549   1.00 40.44 ? 4  GLN A HB3  1 
ATOM 74  H HG2  . GLN A 1 4  ? 9.314   -6.404  4.731   1.00 11.34 ? 4  GLN A HG2  1 
ATOM 75  H HG3  . GLN A 1 4  ? 8.332   -5.649  3.477   1.00 33.31 ? 4  GLN A HG3  1 
ATOM 76  H HE21 . GLN A 1 4  ? 10.291  -8.590  3.393   1.00 5.20  ? 4  GLN A HE21 1 
ATOM 77  H HE22 . GLN A 1 4  ? 8.990   -9.658  3.004   1.00 43.41 ? 4  GLN A HE22 1 
ATOM 78  N N    . TRP A 1 5  ? 11.476  -2.682  2.980   1.00 53.33 ? 5  TRP A N    1 
ATOM 79  C CA   . TRP A 1 5  ? 11.860  -1.624  3.909   1.00 31.32 ? 5  TRP A CA   1 
ATOM 80  C C    . TRP A 1 5  ? 11.082  -0.343  3.627   1.00 1.01  ? 5  TRP A C    1 
ATOM 81  O O    . TRP A 1 5  ? 10.282  0.102   4.450   1.00 0.20  ? 5  TRP A O    1 
ATOM 82  C CB   . TRP A 1 5  ? 13.362  -1.355  3.816   1.00 31.22 ? 5  TRP A CB   1 
ATOM 83  C CG   . TRP A 1 5  ? 13.970  -0.921  5.115   1.00 20.21 ? 5  TRP A CG   1 
ATOM 84  C CD1  . TRP A 1 5  ? 14.717  -1.685  5.966   1.00 73.55 ? 5  TRP A CD1  1 
ATOM 85  C CD2  . TRP A 1 5  ? 13.881  0.378   5.712   1.00 3.04  ? 5  TRP A CD2  1 
ATOM 86  N NE1  . TRP A 1 5  ? 15.098  -0.940  7.056   1.00 71.44 ? 5  TRP A NE1  1 
ATOM 87  C CE2  . TRP A 1 5  ? 14.598  0.329   6.923   1.00 72.11 ? 5  TRP A CE2  1 
ATOM 88  C CE3  . TRP A 1 5  ? 13.267  1.576   5.339   1.00 13.10 ? 5  TRP A CE3  1 
ATOM 89  C CZ2  . TRP A 1 5  ? 14.715  1.434   7.763   1.00 61.33 ? 5  TRP A CZ2  1 
ATOM 90  C CZ3  . TRP A 1 5  ? 13.384  2.672   6.174   1.00 20.23 ? 5  TRP A CZ3  1 
ATOM 91  C CH2  . TRP A 1 5  ? 14.103  2.595   7.373   1.00 11.33 ? 5  TRP A CH2  1 
ATOM 92  H H    . TRP A 1 5  ? 11.844  -2.676  2.072   1.00 44.23 ? 5  TRP A H    1 
ATOM 93  H HA   . TRP A 1 5  ? 11.625  -1.961  4.908   1.00 13.11 ? 5  TRP A HA   1 
ATOM 94  H HB2  . TRP A 1 5  ? 13.865  -2.257  3.498   1.00 73.54 ? 5  TRP A HB2  1 
ATOM 95  H HB3  . TRP A 1 5  ? 13.536  -0.575  3.088   1.00 14.31 ? 5  TRP A HB3  1 
ATOM 96  H HD1  . TRP A 1 5  ? 14.963  -2.722  5.795   1.00 73.11 ? 5  TRP A HD1  1 
ATOM 97  H HE1  . TRP A 1 5  ? 15.639  -1.263  7.806   1.00 4.10  ? 5  TRP A HE1  1 
ATOM 98  H HE3  . TRP A 1 5  ? 12.707  1.655   4.419   1.00 45.44 ? 5  TRP A HE3  1 
ATOM 99  H HZ2  . TRP A 1 5  ? 15.267  1.390   8.691   1.00 52.23 ? 5  TRP A HZ2  1 
ATOM 100 H HZ3  . TRP A 1 5  ? 12.915  3.606   5.903   1.00 0.21  ? 5  TRP A HZ3  1 
ATOM 101 H HH2  . TRP A 1 5  ? 14.168  3.475   7.995   1.00 45.52 ? 5  TRP A HH2  1 
ATOM 102 N N    . ARG A 1 6  ? 11.323  0.245   2.460   1.00 25.11 ? 6  ARG A N    1 
ATOM 103 C CA   . ARG A 1 6  ? 10.646  1.475   2.070   1.00 1.00  ? 6  ARG A CA   1 
ATOM 104 C C    . ARG A 1 6  ? 9.303   1.172   1.411   1.00 44.44 ? 6  ARG A C    1 
ATOM 105 O O    . ARG A 1 6  ? 8.397   2.005   1.410   1.00 51.05 ? 6  ARG A O    1 
ATOM 106 C CB   . ARG A 1 6  ? 11.524  2.286   1.114   1.00 12.23 ? 6  ARG A CB   1 
ATOM 107 C CG   . ARG A 1 6  ? 12.517  3.193   1.822   1.00 64.23 ? 6  ARG A CG   1 
ATOM 108 C CD   . ARG A 1 6  ? 13.952  2.769   1.548   1.00 60.22 ? 6  ARG A CD   1 
ATOM 109 N NE   . ARG A 1 6  ? 14.800  3.906   1.199   1.00 12.10 ? 6  ARG A NE   1 
ATOM 110 C CZ   . ARG A 1 6  ? 16.125  3.895   1.308   1.00 24.10 ? 6  ARG A CZ   1 
ATOM 111 N NH1  . ARG A 1 6  ? 16.747  2.811   1.752   1.00 44.44 ? 6  ARG A NH1  1 
ATOM 112 N NH2  . ARG A 1 6  ? 16.828  4.968   0.970   1.00 11.11 ? 6  ARG A NH2  1 
ATOM 113 H H    . ARG A 1 6  ? 11.972  -0.159  1.845   1.00 53.01 ? 6  ARG A H    1 
ATOM 114 H HA   . ARG A 1 6  ? 10.471  2.055   2.964   1.00 44.32 ? 6  ARG A HA   1 
ATOM 115 H HB2  . ARG A 1 6  ? 12.077  1.603   0.486   1.00 14.21 ? 6  ARG A HB2  1 
ATOM 116 H HB3  . ARG A 1 6  ? 10.888  2.899   0.493   1.00 12.12 ? 6  ARG A HB3  1 
ATOM 117 H HG2  . ARG A 1 6  ? 12.379  4.205   1.471   1.00 11.52 ? 6  ARG A HG2  1 
ATOM 118 H HG3  . ARG A 1 6  ? 12.336  3.150   2.885   1.00 20.45 ? 6  ARG A HG3  1 
ATOM 119 H HD2  . ARG A 1 6  ? 14.348  2.294   2.432   1.00 44.31 ? 6  ARG A HD2  1 
ATOM 120 H HD3  . ARG A 1 6  ? 13.955  2.066   0.728   1.00 21.43 ? 6  ARG A HD3  1 
ATOM 121 H HE   . ARG A 1 6  ? 14.361  4.716   0.869   1.00 53.45 ? 6  ARG A HE   1 
ATOM 122 H HH11 . ARG A 1 6  ? 16.220  2.001   2.005   1.00 21.20 ? 6  ARG A HH11 1 
ATOM 123 H HH12 . ARG A 1 6  ? 17.745  2.805   1.830   1.00 11.01 ? 6  ARG A HH12 1 
ATOM 124 H HH21 . ARG A 1 6  ? 16.362  5.786   0.635   1.00 2.03  ? 6  ARG A HH21 1 
ATOM 125 H HH22 . ARG A 1 6  ? 17.825  4.959   1.052   1.00 32.52 ? 6  ARG A HH22 1 
ATOM 126 N N    . LYS A 1 7  ? 9.183   -0.026  0.849   1.00 42.31 ? 7  LYS A N    1 
ATOM 127 C CA   . LYS A 1 7  ? 7.953   -0.441  0.186   1.00 34.53 ? 7  LYS A CA   1 
ATOM 128 C C    . LYS A 1 7  ? 6.932   -0.946  1.201   1.00 4.02  ? 7  LYS A C    1 
ATOM 129 O O    . LYS A 1 7  ? 5.728   -0.753  1.034   1.00 12.21 ? 7  LYS A O    1 
ATOM 130 C CB   . LYS A 1 7  ? 8.248   -1.534  -0.844  1.00 34.22 ? 7  LYS A CB   1 
ATOM 131 C CG   . LYS A 1 7  ? 7.059   -1.871  -1.729  1.00 4.43  ? 7  LYS A CG   1 
ATOM 132 C CD   . LYS A 1 7  ? 6.609   -0.668  -2.540  1.00 33.52 ? 7  LYS A CD   1 
ATOM 133 C CE   . LYS A 1 7  ? 7.729   -0.137  -3.420  1.00 11.40 ? 7  LYS A CE   1 
ATOM 134 N NZ   . LYS A 1 7  ? 7.330   1.104   -4.140  1.00 34.43 ? 7  LYS A NZ   1 
ATOM 135 H H    . LYS A 1 7  ? 9.941   -0.647  0.882   1.00 4.15  ? 7  LYS A H    1 
ATOM 136 H HA   . LYS A 1 7  ? 7.543   0.419   -0.321  1.00 20.10 ? 7  LYS A HA   1 
ATOM 137 H HB2  . LYS A 1 7  ? 9.060   -1.206  -1.476  1.00 23.43 ? 7  LYS A HB2  1 
ATOM 138 H HB3  . LYS A 1 7  ? 8.547   -2.431  -0.323  1.00 3.34  ? 7  LYS A HB3  1 
ATOM 139 H HG2  . LYS A 1 7  ? 7.342   -2.663  -2.407  1.00 20.11 ? 7  LYS A HG2  1 
ATOM 140 H HG3  . LYS A 1 7  ? 6.241   -2.202  -1.106  1.00 4.33  ? 7  LYS A HG3  1 
ATOM 141 H HD2  . LYS A 1 7  ? 5.780   -0.959  -3.168  1.00 55.01 ? 7  LYS A HD2  1 
ATOM 142 H HD3  . LYS A 1 7  ? 6.293   0.114   -1.862  1.00 25.43 ? 7  LYS A HD3  1 
ATOM 143 H HE2  . LYS A 1 7  ? 8.586   0.077   -2.800  1.00 11.44 ? 7  LYS A HE2  1 
ATOM 144 H HE3  . LYS A 1 7  ? 7.990   -0.894  -4.144  1.00 63.42 ? 7  LYS A HE3  1 
ATOM 145 H HZ1  . LYS A 1 7  ? 6.294   1.193   -4.149  1.00 64.43 ? 7  LYS A HZ1  1 
ATOM 146 H HZ2  . LYS A 1 7  ? 7.674   1.075   -5.120  1.00 55.21 ? 7  LYS A HZ2  1 
ATOM 147 H HZ3  . LYS A 1 7  ? 7.734   1.937   -3.666  1.00 12.00 ? 7  LYS A HZ3  1 
ATOM 148 N N    . ALA A 1 8  ? 7.421   -1.594  2.254   1.00 53.12 ? 8  ALA A N    1 
ATOM 149 C CA   . ALA A 1 8  ? 6.552   -2.123  3.297   1.00 23.53 ? 8  ALA A CA   1 
ATOM 150 C C    . ALA A 1 8  ? 5.741   -1.010  3.953   1.00 22.43 ? 8  ALA A C    1 
ATOM 151 O O    . ALA A 1 8  ? 4.730   -1.269  4.605   1.00 40.21 ? 8  ALA A O    1 
ATOM 152 C CB   . ALA A 1 8  ? 7.372   -2.867  4.340   1.00 31.10 ? 8  ALA A CB   1 
ATOM 153 H H    . ALA A 1 8  ? 8.390   -1.717  2.331   1.00 32.22 ? 8  ALA A H    1 
ATOM 154 H HA   . ALA A 1 8  ? 5.873   -2.828  2.840   1.00 44.03 ? 8  ALA A HA   1 
ATOM 155 H HB1  . ALA A 1 8  ? 6.805   -2.940  5.257   1.00 23.34 ? 8  ALA A HB1  1 
ATOM 156 H HB2  . ALA A 1 8  ? 7.602   -3.857  3.978   1.00 31.32 ? 8  ALA A HB2  1 
ATOM 157 H HB3  . ALA A 1 8  ? 8.289   -2.329  4.527   1.00 42.32 ? 8  ALA A HB3  1 
ATOM 158 N N    . ALA A 1 9  ? 6.191   0.227   3.775   1.00 53.31 ? 9  ALA A N    1 
ATOM 159 C CA   . ALA A 1 9  ? 5.507   1.379   4.350   1.00 64.53 ? 9  ALA A CA   1 
ATOM 160 C C    . ALA A 1 9  ? 4.971   2.299   3.257   1.00 2.05  ? 9  ALA A C    1 
ATOM 161 O O    . ALA A 1 9  ? 4.430   3.368   3.543   1.00 61.42 ? 9  ALA A O    1 
ATOM 162 C CB   . ALA A 1 9  ? 6.443   2.143   5.274   1.00 41.32 ? 9  ALA A CB   1 
ATOM 163 H H    . ALA A 1 9  ? 7.003   0.369   3.245   1.00 23.23 ? 9  ALA A H    1 
ATOM 164 H HA   . ALA A 1 9  ? 4.677   1.014   4.938   1.00 51.52 ? 9  ALA A HA   1 
ATOM 165 H HB1  . ALA A 1 9  ? 6.495   1.639   6.228   1.00 53.44 ? 9  ALA A HB1  1 
ATOM 166 H HB2  . ALA A 1 9  ? 7.429   2.185   4.834   1.00 72.44 ? 9  ALA A HB2  1 
ATOM 167 H HB3  . ALA A 1 9  ? 6.069   3.146   5.415   1.00 11.13 ? 9  ALA A HB3  1 
ATOM 168 N N    . LEU A 1 10 ? 5.126   1.878   2.007   1.00 13.00 ? 10 LEU A N    1 
ATOM 169 C CA   . LEU A 1 10 ? 4.658   2.665   0.871   1.00 14.14 ? 10 LEU A CA   1 
ATOM 170 C C    . LEU A 1 10 ? 3.364   2.088   0.306   1.00 71.13 ? 10 LEU A C    1 
ATOM 171 O O    . LEU A 1 10 ? 2.333   2.761   0.278   1.00 64.31 ? 10 LEU A O    1 
ATOM 172 C CB   . LEU A 1 10 ? 5.729   2.710   -0.220  1.00 2.04  ? 10 LEU A CB   1 
ATOM 173 C CG   . LEU A 1 10 ? 6.329   4.085   -0.515  1.00 65.43 ? 10 LEU A CG   1 
ATOM 174 C CD1  . LEU A 1 10 ? 6.771   4.763   0.772   1.00 32.22 ? 10 LEU A CD1  1 
ATOM 175 C CD2  . LEU A 1 10 ? 7.496   3.961   -1.484  1.00 3.43  ? 10 LEU A CD2  1 
ATOM 176 H H    . LEU A 1 10 ? 5.565   1.018   1.843   1.00 61.31 ? 10 LEU A H    1 
ATOM 177 H HA   . LEU A 1 10 ? 4.468   3.669   1.220   1.00 11.20 ? 10 LEU A HA   1 
ATOM 178 H HB2  . LEU A 1 10 ? 6.534   2.056   0.081   1.00 72.42 ? 10 LEU A HB2  1 
ATOM 179 H HB3  . LEU A 1 10 ? 5.286   2.337   -1.132  1.00 40.04 ? 10 LEU A HB3  1 
ATOM 180 H HG   . LEU A 1 10 ? 5.574   4.708   -0.978  1.00 0.15  ? 10 LEU A HG   1 
ATOM 181 H HD11 . LEU A 1 10 ? 7.239   4.036   1.418   1.00 33.20 ? 10 LEU A HD11 1 
ATOM 182 H HD12 . LEU A 1 10 ? 5.912   5.186   1.269   1.00 74.12 ? 10 LEU A HD12 1 
ATOM 183 H HD13 . LEU A 1 10 ? 7.476   5.547   0.541   1.00 1.40  ? 10 LEU A HD13 1 
ATOM 184 H HD21 . LEU A 1 10 ? 7.945   2.983   -1.383  1.00 33.21 ? 10 LEU A HD21 1 
ATOM 185 H HD22 . LEU A 1 10 ? 8.231   4.720   -1.260  1.00 32.21 ? 10 LEU A HD22 1 
ATOM 186 H HD23 . LEU A 1 10 ? 7.140   4.091   -2.495  1.00 44.01 ? 10 LEU A HD23 1 
ATOM 187 N N    . VAL A 1 11 ? 3.425   0.839   -0.142  1.00 64.24 ? 11 VAL A N    1 
ATOM 188 C CA   . VAL A 1 11 ? 2.257   0.170   -0.704  1.00 64.21 ? 11 VAL A CA   1 
ATOM 189 C C    . VAL A 1 11 ? 1.365   -0.393  0.396   1.00 22.34 ? 11 VAL A C    1 
ATOM 190 O O    . VAL A 1 11 ? 0.153   -0.529  0.219   1.00 24.13 ? 11 VAL A O    1 
ATOM 191 C CB   . VAL A 1 11 ? 2.666   -0.972  -1.654  1.00 11.44 ? 11 VAL A CB   1 
ATOM 192 C CG1  . VAL A 1 11 ? 3.301   -0.413  -2.919  1.00 14.14 ? 11 VAL A CG1  1 
ATOM 193 C CG2  . VAL A 1 11 ? 3.614   -1.933  -0.952  1.00 53.12 ? 11 VAL A CG2  1 
ATOM 194 H H    . VAL A 1 11 ? 4.275   0.354   -0.093  1.00 1.21  ? 11 VAL A H    1 
ATOM 195 H HA   . VAL A 1 11 ? 1.696   0.899   -1.272  1.00 3.13  ? 11 VAL A HA   1 
ATOM 196 H HB   . VAL A 1 11 ? 1.778   -1.516  -1.934  1.00 32.41 ? 11 VAL A HB   1 
ATOM 197 H HG11 . VAL A 1 11 ? 3.997   0.370   -2.656  1.00 43.02 ? 11 VAL A HG11 1 
ATOM 198 H HG12 . VAL A 1 11 ? 3.824   -1.202  -3.438  1.00 60.32 ? 11 VAL A HG12 1 
ATOM 199 H HG13 . VAL A 1 11 ? 2.531   -0.008  -3.558  1.00 64.22 ? 11 VAL A HG13 1 
ATOM 200 H HG21 . VAL A 1 11 ? 3.174   -2.258  -0.021  1.00 1.23  ? 11 VAL A HG21 1 
ATOM 201 H HG22 . VAL A 1 11 ? 3.792   -2.789  -1.586  1.00 31.41 ? 11 VAL A HG22 1 
ATOM 202 H HG23 . VAL A 1 11 ? 4.551   -1.434  -0.752  1.00 42.13 ? 11 VAL A HG23 1 
ATOM 203 N N    . LEU A 1 12 ? 1.970   -0.721  1.531   1.00 14.34 ? 12 LEU A N    1 
ATOM 204 C CA   . LEU A 1 12 ? 1.230   -1.270  2.663   1.00 3.21  ? 12 LEU A CA   1 
ATOM 205 C C    . LEU A 1 12 ? 0.573   -0.159  3.475   1.00 31.11 ? 12 LEU A C    1 
ATOM 206 O O    . LEU A 1 12 ? -0.257  -0.419  4.344   1.00 24.41 ? 12 LEU A O    1 
ATOM 207 C CB   . LEU A 1 12 ? 2.162   -2.089  3.558   1.00 11.42 ? 12 LEU A CB   1 
ATOM 208 C CG   . LEU A 1 12 ? 1.582   -3.388  4.120   1.00 52.42 ? 12 LEU A CG   1 
ATOM 209 C CD1  . LEU A 1 12 ? 2.626   -4.493  4.093   1.00 61.51 ? 12 LEU A CD1  1 
ATOM 210 C CD2  . LEU A 1 12 ? 1.068   -3.173  5.536   1.00 12.22 ? 12 LEU A CD2  1 
ATOM 211 H H    . LEU A 1 12 ? 2.938   -0.589  1.613   1.00 22.51 ? 12 LEU A H    1 
ATOM 212 H HA   . LEU A 1 12 ? 0.459   -1.917  2.272   1.00 2.31  ? 12 LEU A HA   1 
ATOM 213 H HB2  . LEU A 1 12 ? 3.038   -2.341  2.981   1.00 44.34 ? 12 LEU A HB2  1 
ATOM 214 H HB3  . LEU A 1 12 ? 2.451   -1.465  4.392   1.00 23.51 ? 12 LEU A HB3  1 
ATOM 215 H HG   . LEU A 1 12 ? 0.750   -3.699  3.504   1.00 52.21 ? 12 LEU A HG   1 
ATOM 216 H HD11 . LEU A 1 12 ? 2.158   -5.423  3.807   1.00 35.40 ? 12 LEU A HD11 1 
ATOM 217 H HD12 . LEU A 1 12 ? 3.065   -4.598  5.073   1.00 41.52 ? 12 LEU A HD12 1 
ATOM 218 H HD13 . LEU A 1 12 ? 3.396   -4.243  3.378   1.00 23.13 ? 12 LEU A HD13 1 
ATOM 219 H HD21 . LEU A 1 12 ? 1.424   -3.969  6.173   1.00 75.31 ? 12 LEU A HD21 1 
ATOM 220 H HD22 . LEU A 1 12 ? -0.012  -3.171  5.530   1.00 24.22 ? 12 LEU A HD22 1 
ATOM 221 H HD23 . LEU A 1 12 ? 1.426   -2.224  5.909   1.00 11.14 ? 12 LEU A HD23 1 
ATOM 222 N N    . ASN A 1 13 ? 0.950   1.082   3.185   1.00 4.40  ? 13 ASN A N    1 
ATOM 223 C CA   . ASN A 1 13 ? 0.397   2.234   3.886   1.00 32.44 ? 13 ASN A CA   1 
ATOM 224 C C    . ASN A 1 13 ? -0.334  3.161   2.921   1.00 64.43 ? 13 ASN A C    1 
ATOM 225 O O    . ASN A 1 13 ? -1.554  3.311   2.991   1.00 3.20  ? 13 ASN A O    1 
ATOM 226 C CB   . ASN A 1 13 ? 1.507   3.001   4.606   1.00 51.45 ? 13 ASN A CB   1 
ATOM 227 C CG   . ASN A 1 13 ? 1.405   2.890   6.114   1.00 34.14 ? 13 ASN A CG   1 
ATOM 228 O OD1  . ASN A 1 13 ? 0.308   2.855   6.673   1.00 41.04 ? 13 ASN A OD1  1 
ATOM 229 N ND2  . ASN A 1 13 ? 2.551   2.833   6.783   1.00 2.41  ? 13 ASN A ND2  1 
ATOM 230 H H    . ASN A 1 13 ? 1.617   1.227   2.482   1.00 44.14 ? 13 ASN A H    1 
ATOM 231 H HA   . ASN A 1 13 ? -0.308  1.868   4.618   1.00 0.44  ? 13 ASN A HA   1 
ATOM 232 H HB2  . ASN A 1 13 ? 2.466   2.608   4.299   1.00 71.23 ? 13 ASN A HB2  1 
ATOM 233 H HB3  . ASN A 1 13 ? 1.449   4.045   4.335   1.00 54.41 ? 13 ASN A HB3  1 
ATOM 234 H HD21 . ASN A 1 13 ? 3.387   2.867   6.272   1.00 3.14  ? 13 ASN A HD21 1 
ATOM 235 H HD22 . ASN A 1 13 ? 2.514   2.759   7.759   1.00 13.12 ? 13 ASN A HD22 1 
ATOM 236 N N    . ALA A 1 14 ? 0.420   3.779   2.018   1.00 60.33 ? 14 ALA A N    1 
ATOM 237 C CA   . ALA A 1 14 ? -0.156  4.689   1.035   1.00 0.00  ? 14 ALA A CA   1 
ATOM 238 C C    . ALA A 1 14 ? -1.315  4.033   0.292   1.00 3.44  ? 14 ALA A C    1 
ATOM 239 O O    . ALA A 1 14 ? -2.415  4.580   0.233   1.00 31.30 ? 14 ALA A O    1 
ATOM 240 C CB   . ALA A 1 14 ? 0.911   5.148   0.053   1.00 53.55 ? 14 ALA A CB   1 
ATOM 241 H H    . ALA A 1 14 ? 1.386   3.619   2.012   1.00 12.11 ? 14 ALA A H    1 
ATOM 242 H HA   . ALA A 1 14 ? -0.524  5.558   1.561   1.00 72.32 ? 14 ALA A HA   1 
ATOM 243 H HB1  . ALA A 1 14 ? 1.837   5.321   0.582   1.00 1.51  ? 14 ALA A HB1  1 
ATOM 244 H HB2  . ALA A 1 14 ? 1.062   4.387   -0.697  1.00 65.11 ? 14 ALA A HB2  1 
ATOM 245 H HB3  . ALA A 1 14 ? 0.592   6.065   -0.423  1.00 2.24  ? 14 ALA A HB3  1 
ATOM 246 N N    . SER A 1 15 ? -1.058  2.859   -0.275  1.00 65.51 ? 15 SER A N    1 
ATOM 247 C CA   . SER A 1 15 ? -2.080  2.130   -1.018  1.00 43.22 ? 15 SER A CA   1 
ATOM 248 C C    . SER A 1 15 ? -2.843  1.179   -0.102  1.00 25.30 ? 15 SER A C    1 
ATOM 249 O O    . SER A 1 15 ? -3.705  0.424   -0.553  1.00 52.14 ? 15 SER A O    1 
ATOM 250 C CB   . SER A 1 15 ? -1.442  1.347   -2.168  1.00 61.25 ? 15 SER A CB   1 
ATOM 251 O OG   . SER A 1 15 ? -1.794  1.905   -3.422  1.00 24.23 ? 15 SER A OG   1 
ATOM 252 H H    . SER A 1 15 ? -0.160  2.474   -0.193  1.00 60.34 ? 15 SER A H    1 
ATOM 253 H HA   . SER A 1 15 ? -2.771  2.852   -1.427  1.00 33.43 ? 15 SER A HA   1 
ATOM 254 H HB2  . SER A 1 15 ? -0.368  1.372   -2.066  1.00 32.32 ? 15 SER A HB2  1 
ATOM 255 H HB3  . SER A 1 15 ? -1.783  0.322   -2.135  1.00 51.32 ? 15 SER A HB3  1 
ATOM 256 H HG   . SER A 1 15 ? -1.435  1.361   -4.127  1.00 42.01 ? 15 SER A HG   1 
ATOM 257 N N    . ARG A 1 16 ? -2.521  1.222   1.186   1.00 33.42 ? 16 ARG A N    1 
ATOM 258 C CA   . ARG A 1 16 ? -3.176  0.363   2.166   1.00 12.45 ? 16 ARG A CA   1 
ATOM 259 C C    . ARG A 1 16 ? -4.693  0.489   2.072   1.00 62.35 ? 16 ARG A C    1 
ATOM 260 O O    . ARG A 1 16 ? -5.426  -0.419  2.463   1.00 73.24 ? 16 ARG A O    1 
ATOM 261 C CB   . ARG A 1 16 ? -2.711  0.721   3.579   1.00 1.23  ? 16 ARG A CB   1 
ATOM 262 C CG   . ARG A 1 16 ? -3.582  1.762   4.262   1.00 1.25  ? 16 ARG A CG   1 
ATOM 263 C CD   . ARG A 1 16 ? -4.669  1.113   5.104   1.00 20.52 ? 16 ARG A CD   1 
ATOM 264 N NE   . ARG A 1 16 ? -4.630  1.566   6.492   1.00 53.03 ? 16 ARG A NE   1 
ATOM 265 C CZ   . ARG A 1 16 ? -5.668  1.492   7.319   1.00 54.14 ? 16 ARG A CZ   1 
ATOM 266 N NH1  . ARG A 1 16 ? -6.818  0.986   6.899   1.00 24.51 ? 16 ARG A NH1  1 
ATOM 267 N NH2  . ARG A 1 16 ? -5.555  1.927   8.567   1.00 3.12  ? 16 ARG A NH2  1 
ATOM 268 H H    . ARG A 1 16 ? -1.826  1.844   1.485   1.00 63.13 ? 16 ARG A H    1 
ATOM 269 H HA   . ARG A 1 16 ? -2.896  -0.657  1.952   1.00 21.44 ? 16 ARG A HA   1 
ATOM 270 H HB2  . ARG A 1 16 ? -2.716  -0.175  4.185   1.00 52.45 ? 16 ARG A HB2  1 
ATOM 271 H HB3  . ARG A 1 16 ? -1.703  1.104   3.527   1.00 40.13 ? 16 ARG A HB3  1 
ATOM 272 H HG2  . ARG A 1 16 ? -2.963  2.372   4.903   1.00 3.30  ? 16 ARG A HG2  1 
ATOM 273 H HG3  . ARG A 1 16 ? -4.044  2.381   3.508   1.00 45.42 ? 16 ARG A HG3  1 
ATOM 274 H HD2  . ARG A 1 16 ? -5.630  1.362   4.681   1.00 73.41 ? 16 ARG A HD2  1 
ATOM 275 H HD3  . ARG A 1 16 ? -4.532  0.042   5.081   1.00 21.22 ? 16 ARG A HD3  1 
ATOM 276 H HE   . ARG A 1 16 ? -3.789  1.945   6.823   1.00 25.20 ? 16 ARG A HE   1 
ATOM 277 H HH11 . ARG A 1 16 ? -6.907  0.657   5.960   1.00 43.34 ? 16 ARG A HH11 1 
ATOM 278 H HH12 . ARG A 1 16 ? -7.598  0.930   7.524   1.00 3.04  ? 16 ARG A HH12 1 
ATOM 279 H HH21 . ARG A 1 16 ? -4.688  2.309   8.887   1.00 34.32 ? 16 ARG A HH21 1 
ATOM 280 H HH22 . ARG A 1 16 ? -6.336  1.871   9.188   1.00 23.14 ? 16 ARG A HH22 1 
ATOM 281 N N    . ARG A 1 17 ? -5.156  1.620   1.549   1.00 35.45 ? 17 ARG A N    1 
ATOM 282 C CA   . ARG A 1 17 ? -6.587  1.865   1.406   1.00 51.34 ? 17 ARG A CA   1 
ATOM 283 C C    . ARG A 1 17 ? -6.971  1.991   -0.066  1.00 15.51 ? 17 ARG A C    1 
ATOM 284 O O    . ARG A 1 17 ? -7.838  2.789   -0.426  1.00 11.44 ? 17 ARG A O    1 
ATOM 285 C CB   . ARG A 1 17 ? -6.987  3.135   2.159   1.00 54.44 ? 17 ARG A CB   1 
ATOM 286 C CG   . ARG A 1 17 ? -6.377  4.403   1.582   1.00 73.21 ? 17 ARG A CG   1 
ATOM 287 C CD   . ARG A 1 17 ? -6.714  5.619   2.431   1.00 1.43  ? 17 ARG A CD   1 
ATOM 288 N NE   . ARG A 1 17 ? -8.152  5.868   2.485   1.00 53.32 ? 17 ARG A NE   1 
ATOM 289 C CZ   . ARG A 1 17 ? -8.684  7.018   2.882   1.00 0.11  ? 17 ARG A CZ   1 
ATOM 290 N NH1  . ARG A 1 17 ? -7.901  8.020   3.258   1.00 52.11 ? 17 ARG A NH1  1 
ATOM 291 N NH2  . ARG A 1 17 ? -10.002 7.169   2.904   1.00 65.41 ? 17 ARG A NH2  1 
ATOM 292 H H    . ARG A 1 17 ? -4.522  2.306   1.256   1.00 74.21 ? 17 ARG A H    1 
ATOM 293 H HA   . ARG A 1 17 ? -7.112  1.024   1.832   1.00 34.45 ? 17 ARG A HA   1 
ATOM 294 H HB2  . ARG A 1 17 ? -8.062  3.234   2.130   1.00 33.10 ? 17 ARG A HB2  1 
ATOM 295 H HB3  . ARG A 1 17 ? -6.669  3.044   3.187   1.00 13.11 ? 17 ARG A HB3  1 
ATOM 296 H HG2  . ARG A 1 17 ? -5.304  4.290   1.544   1.00 32.14 ? 17 ARG A HG2  1 
ATOM 297 H HG3  . ARG A 1 17 ? -6.761  4.553   0.584   1.00 12.31 ? 17 ARG A HG3  1 
ATOM 298 H HD2  . ARG A 1 17 ? -6.349  5.454   3.434   1.00 24.32 ? 17 ARG A HD2  1 
ATOM 299 H HD3  . ARG A 1 17 ? -6.223  6.483   2.009   1.00 40.14 ? 17 ARG A HD3  1 
ATOM 300 H HE   . ARG A 1 17 ? -8.749  5.141   2.212   1.00 43.03 ? 17 ARG A HE   1 
ATOM 301 H HH11 . ARG A 1 17 ? -6.907  7.910   3.242   1.00 42.02 ? 17 ARG A HH11 1 
ATOM 302 H HH12 . ARG A 1 17 ? -8.305  8.886   3.555   1.00 51.31 ? 17 ARG A HH12 1 
ATOM 303 H HH21 . ARG A 1 17 ? -10.596 6.415   2.621   1.00 41.54 ? 17 ARG A HH21 1 
ATOM 304 H HH22 . ARG A 1 17 ? -10.402 8.035   3.203   1.00 3.40  ? 17 ARG A HH22 1 
ATOM 305 N N    . PHE A 1 18 ? -6.321  1.200   -0.912  1.00 14.22 ? 18 PHE A N    1 
ATOM 306 C CA   . PHE A 1 18 ? -6.592  1.223   -2.344  1.00 71.34 ? 18 PHE A CA   1 
ATOM 307 C C    . PHE A 1 18 ? -7.658  0.195   -2.712  1.00 72.11 ? 18 PHE A C    1 
ATOM 308 O O    . PHE A 1 18 ? -8.333  0.325   -3.733  1.00 64.43 ? 18 PHE A O    1 
ATOM 309 C CB   . PHE A 1 18 ? -5.310  0.951   -3.133  1.00 74.54 ? 18 PHE A CB   1 
ATOM 310 C CG   . PHE A 1 18 ? -5.316  1.547   -4.512  1.00 14.10 ? 18 PHE A CG   1 
ATOM 311 C CD1  . PHE A 1 18 ? -6.078  0.982   -5.521  1.00 61.42 ? 18 PHE A CD1  1 
ATOM 312 C CD2  . PHE A 1 18 ? -4.560  2.672   -4.798  1.00 34.10 ? 18 PHE A CD2  1 
ATOM 313 C CE1  . PHE A 1 18 ? -6.086  1.528   -6.791  1.00 73.15 ? 18 PHE A CE1  1 
ATOM 314 C CE2  . PHE A 1 18 ? -4.564  3.223   -6.065  1.00 43.04 ? 18 PHE A CE2  1 
ATOM 315 C CZ   . PHE A 1 18 ? -5.328  2.650   -7.063  1.00 43.21 ? 18 PHE A CZ   1 
ATOM 316 H H    . PHE A 1 18 ? -5.640  0.585   -0.564  1.00 21.43 ? 18 PHE A H    1 
ATOM 317 H HA   . PHE A 1 18 ? -6.957  2.208   -2.595  1.00 33.35 ? 18 PHE A HA   1 
ATOM 318 H HB2  . PHE A 1 18 ? -4.470  1.366   -2.596  1.00 74.44 ? 18 PHE A HB2  1 
ATOM 319 H HB3  . PHE A 1 18 ? -5.177  -0.115  -3.231  1.00 65.22 ? 18 PHE A HB3  1 
ATOM 320 H HD1  . PHE A 1 18 ? -6.672  0.104   -5.309  1.00 52.23 ? 18 PHE A HD1  1 
ATOM 321 H HD2  . PHE A 1 18 ? -3.962  3.120   -4.018  1.00 55.24 ? 18 PHE A HD2  1 
ATOM 322 H HE1  . PHE A 1 18 ? -6.684  1.077   -7.570  1.00 13.12 ? 18 PHE A HE1  1 
ATOM 323 H HE2  . PHE A 1 18 ? -3.970  4.099   -6.276  1.00 54.22 ? 18 PHE A HE2  1 
ATOM 324 H HZ   . PHE A 1 18 ? -5.333  3.078   -8.054  1.00 65.13 ? 18 PHE A HZ   1 
ATOM 325 N N    . ARG A 1 19 ? -7.802  -0.825  -1.873  1.00 24.41 ? 19 ARG A N    1 
ATOM 326 C CA   . ARG A 1 19 ? -8.783  -1.877  -2.111  1.00 51.02 ? 19 ARG A CA   1 
ATOM 327 C C    . ARG A 1 19 ? -10.201 -1.355  -1.899  1.00 71.41 ? 19 ARG A C    1 
ATOM 328 O O    . ARG A 1 19 ? -11.123 -1.717  -2.631  1.00 1.03  ? 19 ARG A O    1 
ATOM 329 C CB   . ARG A 1 19 ? -8.522  -3.066  -1.185  1.00 62.41 ? 19 ARG A CB   1 
ATOM 330 C CG   . ARG A 1 19 ? -7.329  -3.911  -1.600  1.00 75.23 ? 19 ARG A CG   1 
ATOM 331 C CD   . ARG A 1 19 ? -6.999  -4.961  -0.551  1.00 44.32 ? 19 ARG A CD   1 
ATOM 332 N NE   . ARG A 1 19 ? -6.201  -4.411  0.542   1.00 11.04 ? 19 ARG A NE   1 
ATOM 333 C CZ   . ARG A 1 19 ? -5.578  -5.159  1.446   1.00 24.23 ? 19 ARG A CZ   1 
ATOM 334 N NH1  . ARG A 1 19 ? -5.659  -6.481  1.386   1.00 1.20  ? 19 ARG A NH1  1 
ATOM 335 N NH2  . ARG A 1 19 ? -4.871  -4.585  2.411   1.00 41.44 ? 19 ARG A NH2  1 
ATOM 336 H H    . ARG A 1 19 ? -7.235  -0.872  -1.076  1.00 4.34  ? 19 ARG A H    1 
ATOM 337 H HA   . ARG A 1 19 ? -8.681  -2.201  -3.136  1.00 20.12 ? 19 ARG A HA   1 
ATOM 338 H HB2  . ARG A 1 19 ? -8.344  -2.697  -0.186  1.00 14.40 ? 19 ARG A HB2  1 
ATOM 339 H HB3  . ARG A 1 19 ? -9.398  -3.698  -1.175  1.00 24.11 ? 19 ARG A HB3  1 
ATOM 340 H HG2  . ARG A 1 19 ? -7.558  -4.408  -2.532  1.00 33.24 ? 19 ARG A HG2  1 
ATOM 341 H HG3  . ARG A 1 19 ? -6.473  -3.266  -1.734  1.00 24.10 ? 19 ARG A HG3  1 
ATOM 342 H HD2  . ARG A 1 19 ? -7.920  -5.353  -0.149  1.00 71.44 ? 19 ARG A HD2  1 
ATOM 343 H HD3  . ARG A 1 19 ? -6.445  -5.759  -1.023  1.00 12.50 ? 19 ARG A HD3  1 
ATOM 344 H HE   . ARG A 1 19 ? -6.128  -3.437  0.604   1.00 12.51 ? 19 ARG A HE   1 
ATOM 345 H HH11 . ARG A 1 19 ? -6.190  -6.917  0.660   1.00 42.44 ? 19 ARG A HH11 1 
ATOM 346 H HH12 . ARG A 1 19 ? -5.187  -7.042  2.068   1.00 71.24 ? 19 ARG A HH12 1 
ATOM 347 H HH21 . ARG A 1 19 ? -4.808  -3.588  2.458   1.00 42.21 ? 19 ARG A HH21 1 
ATOM 348 H HH22 . ARG A 1 19 ? -4.402  -5.148  3.090   1.00 21.40 ? 19 ARG A HH22 1 
ATOM 349 N N    . TYR A 1 20 ? -10.369 -0.504  -0.893  1.00 12.53 ? 20 TYR A N    1 
ATOM 350 C CA   . TYR A 1 20 ? -11.675 0.066   -0.582  1.00 22.21 ? 20 TYR A CA   1 
ATOM 351 C C    . TYR A 1 20 ? -12.087 1.089   -1.637  1.00 34.24 ? 20 TYR A C    1 
ATOM 352 O O    . TYR A 1 20 ? -13.207 1.053   -2.149  1.00 41.44 ? 20 TYR A O    1 
ATOM 353 C CB   . TYR A 1 20 ? -11.654 0.722   0.799   1.00 4.43  ? 20 TYR A CB   1 
ATOM 354 C CG   . TYR A 1 20 ? -10.864 -0.058  1.827   1.00 3.35  ? 20 TYR A CG   1 
ATOM 355 C CD1  . TYR A 1 20 ? -11.384 -1.210  2.404   1.00 54.23 ? 20 TYR A CD1  1 
ATOM 356 C CD2  . TYR A 1 20 ? -9.597  0.358   2.220   1.00 63.51 ? 20 TYR A CD2  1 
ATOM 357 C CE1  . TYR A 1 20 ? -10.666 -1.924  3.344   1.00 31.13 ? 20 TYR A CE1  1 
ATOM 358 C CE2  . TYR A 1 20 ? -8.872  -0.352  3.158   1.00 54.43 ? 20 TYR A CE2  1 
ATOM 359 C CZ   . TYR A 1 20 ? -9.411  -1.492  3.717   1.00 73.23 ? 20 TYR A CZ   1 
ATOM 360 O OH   . TYR A 1 20 ? -8.693  -2.201  4.652   1.00 51.12 ? 20 TYR A OH   1 
ATOM 361 H H    . TYR A 1 20 ? -9.596  -0.253  -0.345  1.00 5.10  ? 20 TYR A H    1 
ATOM 362 H HA   . TYR A 1 20 ? -12.395 -0.739  -0.577  1.00 5.04  ? 20 TYR A HA   1 
ATOM 363 H HB2  . TYR A 1 20 ? -11.212 1.702   0.718   1.00 14.51 ? 20 TYR A HB2  1 
ATOM 364 H HB3  . TYR A 1 20 ? -12.667 0.816   1.161   1.00 55.21 ? 20 TYR A HB3  1 
ATOM 365 H HD1  . TYR A 1 20 ? -12.367 -1.547  2.109   1.00 52.41 ? 20 TYR A HD1  1 
ATOM 366 H HD2  . TYR A 1 20 ? -9.178  1.250   1.780   1.00 54.44 ? 20 TYR A HD2  1 
ATOM 367 H HE1  . TYR A 1 20 ? -11.088 -2.817  3.782   1.00 2.31  ? 20 TYR A HE1  1 
ATOM 368 H HE2  . TYR A 1 20 ? -7.889  -0.012  3.451   1.00 21.54 ? 20 TYR A HE2  1 
ATOM 369 H HH   . TYR A 1 20 ? -8.191  -1.593  5.200   1.00 71.34 ? 20 TYR A HH   1 
ATOM 370 N N    . THR A 1 21 ? -11.174 2.000   -1.957  1.00 33.51 ? 21 THR A N    1 
ATOM 371 C CA   . THR A 1 21 ? -11.442 3.035   -2.948  1.00 4.02  ? 21 THR A CA   1 
ATOM 372 C C    . THR A 1 21 ? -11.641 2.429   -4.333  1.00 51.42 ? 21 THR A C    1 
ATOM 373 O O    . THR A 1 21 ? -12.325 3.004   -5.181  1.00 5.32  ? 21 THR A O    1 
ATOM 374 C CB   . THR A 1 21 ? -10.297 4.063   -3.010  1.00 31.40 ? 21 THR A CB   1 
ATOM 375 O OG1  . THR A 1 21 ? -10.682 5.176   -3.825  1.00 43.11 ? 21 THR A OG1  1 
ATOM 376 C CG2  . THR A 1 21 ? -9.031  3.431   -3.569  1.00 52.11 ? 21 THR A CG2  1 
ATOM 377 H H    . THR A 1 21 ? -10.301 1.977   -1.513  1.00 24.52 ? 21 THR A H    1 
ATOM 378 H HA   . THR A 1 21 ? -12.346 3.549   -2.658  1.00 71.34 ? 21 THR A HA   1 
ATOM 379 H HB   . THR A 1 21 ? -10.095 4.414   -2.008  1.00 31.13 ? 21 THR A HB   1 
ATOM 380 H HG1  . THR A 1 21 ? -11.309 5.722   -3.346  1.00 1.32  ? 21 THR A HG1  1 
ATOM 381 H HG21 . THR A 1 21 ? -9.134  3.305   -4.636  1.00 42.33 ? 21 THR A HG21 1 
ATOM 382 H HG22 . THR A 1 21 ? -8.875  2.469   -3.106  1.00 4.10  ? 21 THR A HG22 1 
ATOM 383 H HG23 . THR A 1 21 ? -8.188  4.073   -3.362  1.00 11.24 ? 21 THR A HG23 1 
ATOM 384 N N    . LEU A 1 22 ? -11.040 1.266   -4.557  1.00 2.03  ? 22 LEU A N    1 
ATOM 385 C CA   . LEU A 1 22 ? -11.152 0.581   -5.841  1.00 32.30 ? 22 LEU A CA   1 
ATOM 386 C C    . LEU A 1 22 ? -12.443 -0.228  -5.915  1.00 23.21 ? 22 LEU A C    1 
ATOM 387 O O    . LEU A 1 22 ? -13.071 -0.318  -6.970  1.00 24.44 ? 22 LEU A O    1 
ATOM 388 C CB   . LEU A 1 22 ? -9.948  -0.337  -6.058  1.00 60.35 ? 22 LEU A CB   1 
ATOM 389 C CG   . LEU A 1 22 ? -9.983  -1.203  -7.318  1.00 40.43 ? 22 LEU A CG   1 
ATOM 390 C CD1  . LEU A 1 22 ? -8.818  -0.860  -8.234  1.00 51.21 ? 22 LEU A CD1  1 
ATOM 391 C CD2  . LEU A 1 22 ? -9.958  -2.679  -6.951  1.00 43.03 ? 22 LEU A CD2  1 
ATOM 392 H H    . LEU A 1 22 ? -10.509 0.856   -3.843  1.00 44.03 ? 22 LEU A H    1 
ATOM 393 H HA   . LEU A 1 22 ? -11.167 1.331   -6.616  1.00 51.14 ? 22 LEU A HA   1 
ATOM 394 H HB2  . LEU A 1 22 ? -9.066  0.281   -6.106  1.00 42.44 ? 22 LEU A HB2  1 
ATOM 395 H HB3  . LEU A 1 22 ? -9.877  -0.996  -5.204  1.00 41.31 ? 22 LEU A HB3  1 
ATOM 396 H HG   . LEU A 1 22 ? -10.899 -1.006  -7.857  1.00 62.11 ? 22 LEU A HG   1 
ATOM 397 H HD11 . LEU A 1 22 ? -8.443  -1.763  -8.692  1.00 54.25 ? 22 LEU A HD11 1 
ATOM 398 H HD12 . LEU A 1 22 ? -8.032  -0.394  -7.657  1.00 23.11 ? 22 LEU A HD12 1 
ATOM 399 H HD13 . LEU A 1 22 ? -9.152  -0.178  -9.001  1.00 72.44 ? 22 LEU A HD13 1 
ATOM 400 H HD21 . LEU A 1 22 ? -10.964 -3.073  -6.976  1.00 1.53  ? 22 LEU A HD21 1 
ATOM 401 H HD22 . LEU A 1 22 ? -9.550  -2.797  -5.959  1.00 15.03 ? 22 LEU A HD22 1 
ATOM 402 H HD23 . LEU A 1 22 ? -9.343  -3.216  -7.659  1.00 43.24 ? 22 LEU A HD23 1 
ATOM 403 N N    . ASP A 1 23 ? -12.834 -0.814  -4.788  1.00 72.54 ? 23 ASP A N    1 
ATOM 404 C CA   . ASP A 1 23 ? -14.052 -1.613  -4.725  1.00 31.43 ? 23 ASP A CA   1 
ATOM 405 C C    . ASP A 1 23 ? -15.288 -0.719  -4.697  1.00 12.44 ? 23 ASP A C    1 
ATOM 406 O O    . ASP A 1 23 ? -16.373 -1.127  -5.113  1.00 32.34 ? 23 ASP A O    1 
ATOM 407 C CB   . ASP A 1 23 ? -14.032 -2.516  -3.491  1.00 13.42 ? 23 ASP A CB   1 
ATOM 408 C CG   . ASP A 1 23 ? -15.030 -3.653  -3.588  1.00 4.51  ? 23 ASP A CG   1 
ATOM 409 O OD1  . ASP A 1 23 ? -16.222 -3.423  -3.295  1.00 42.31 ? 23 ASP A OD1  1 
ATOM 410 O OD2  . ASP A 1 23 ? -14.618 -4.772  -3.957  1.00 61.24 ? 23 ASP A OD2  1 
ATOM 411 H H    . ASP A 1 23 ? -12.291 -0.705  -3.980  1.00 61.21 ? 23 ASP A H    1 
ATOM 412 H HA   . ASP A 1 23 ? -14.091 -2.230  -5.610  1.00 12.00 ? 23 ASP A HA   1 
ATOM 413 H HB2  . ASP A 1 23 ? -13.043 -2.938  -3.377  1.00 74.52 ? 23 ASP A HB2  1 
ATOM 414 H HB3  . ASP A 1 23 ? -14.269 -1.926  -2.617  1.00 51.03 ? 23 ASP A HB3  1 
ATOM 415 N N    . LEU A 1 24 ? -15.117 0.502   -4.201  1.00 21.51 ? 24 LEU A N    1 
ATOM 416 C CA   . LEU A 1 24 ? -16.219 1.454   -4.117  1.00 15.43 ? 24 LEU A CA   1 
ATOM 417 C C    . LEU A 1 24 ? -16.884 1.641   -5.476  1.00 5.12  ? 24 LEU A C    1 
ATOM 418 O O    . LEU A 1 24 ? -18.077 1.932   -5.562  1.00 31.13 ? 24 LEU A O    1 
ATOM 419 C CB   . LEU A 1 24 ? -15.716 2.801   -3.594  1.00 15.03 ? 24 LEU A CB   1 
ATOM 420 C CG   . LEU A 1 24 ? -16.708 3.609   -2.756  1.00 11.20 ? 24 LEU A CG   1 
ATOM 421 C CD1  . LEU A 1 24 ? -16.838 3.016   -1.362  1.00 25.43 ? 24 LEU A CD1  1 
ATOM 422 C CD2  . LEU A 1 24 ? -16.277 5.067   -2.679  1.00 14.04 ? 24 LEU A CD2  1 
ATOM 423 H H    . LEU A 1 24 ? -14.229 0.770   -3.884  1.00 21.30 ? 24 LEU A H    1 
ATOM 424 H HA   . LEU A 1 24 ? -16.947 1.058   -3.424  1.00 31.21 ? 24 LEU A HA   1 
ATOM 425 H HB2  . LEU A 1 24 ? -14.844 2.615   -2.985  1.00 31.11 ? 24 LEU A HB2  1 
ATOM 426 H HB3  . LEU A 1 24 ? -15.434 3.402   -4.447  1.00 33.24 ? 24 LEU A HB3  1 
ATOM 427 H HG   . LEU A 1 24 ? -17.681 3.572   -3.227  1.00 5.23  ? 24 LEU A HG   1 
ATOM 428 H HD11 . LEU A 1 24 ? -16.384 3.680   -0.644  1.00 31.50 ? 24 LEU A HD11 1 
ATOM 429 H HD12 . LEU A 1 24 ? -16.341 2.057   -1.331  1.00 52.03 ? 24 LEU A HD12 1 
ATOM 430 H HD13 . LEU A 1 24 ? -17.884 2.885   -1.123  1.00 2.10  ? 24 LEU A HD13 1 
ATOM 431 H HD21 . LEU A 1 24 ? -16.517 5.562   -3.607  1.00 54.45 ? 24 LEU A HD21 1 
ATOM 432 H HD22 . LEU A 1 24 ? -15.212 5.117   -2.507  1.00 54.14 ? 24 LEU A HD22 1 
ATOM 433 H HD23 . LEU A 1 24 ? -16.796 5.553   -1.865  1.00 2.33  ? 24 LEU A HD23 1 
ATOM 434 N N    . LYS A 1 25 ? -16.105 1.468   -6.539  1.00 1.22  ? 25 LYS A N    1 
ATOM 435 C CA   . LYS A 1 25 ? -16.617 1.612   -7.896  1.00 13.21 ? 25 LYS A CA   1 
ATOM 436 C C    . LYS A 1 25 ? -17.865 0.759   -8.100  1.00 61.11 ? 25 LYS A C    1 
ATOM 437 O O    . LYS A 1 25 ? -18.116 -0.181  -7.345  1.00 63.23 ? 25 LYS A O    1 
ATOM 438 C CB   . LYS A 1 25 ? -15.544 1.217   -8.913  1.00 42.31 ? 25 LYS A CB   1 
ATOM 439 C CG   . LYS A 1 25 ? -15.310 -0.282  -8.999  1.00 14.45 ? 25 LYS A CG   1 
ATOM 440 C CD   . LYS A 1 25 ? -14.122 -0.611  -9.888  1.00 33.30 ? 25 LYS A CD   1 
ATOM 441 C CE   . LYS A 1 25 ? -14.103 -2.083  -10.270 1.00 35.12 ? 25 LYS A CE   1 
ATOM 442 N NZ   . LYS A 1 25 ? -13.546 -2.931  -9.179  1.00 55.04 ? 25 LYS A NZ   1 
ATOM 443 H H    . LYS A 1 25 ? -15.160 1.235   -6.406  1.00 53.15 ? 25 LYS A H    1 
ATOM 444 H HA   . LYS A 1 25 ? -16.876 2.650   -8.044  1.00 1.03  ? 25 LYS A HA   1 
ATOM 445 H HB2  . LYS A 1 25 ? -15.843 1.570   -9.889  1.00 22.22 ? 25 LYS A HB2  1 
ATOM 446 H HB3  . LYS A 1 25 ? -14.612 1.690   -8.638  1.00 62.54 ? 25 LYS A HB3  1 
ATOM 447 H HG2  . LYS A 1 25 ? -15.120 -0.664  -8.007  1.00 1.02  ? 25 LYS A HG2  1 
ATOM 448 H HG3  . LYS A 1 25 ? -16.193 -0.752  -9.405  1.00 34.40 ? 25 LYS A HG3  1 
ATOM 449 H HD2  . LYS A 1 25 ? -14.183 -0.018  -10.789 1.00 53.43 ? 25 LYS A HD2  1 
ATOM 450 H HD3  . LYS A 1 25 ? -13.211 -0.373  -9.359  1.00 15.40 ? 25 LYS A HD3  1 
ATOM 451 H HE2  . LYS A 1 25 ? -15.113 -2.400  -10.481 1.00 2.33  ? 25 LYS A HE2  1 
ATOM 452 H HE3  . LYS A 1 25 ? -13.495 -2.203  -11.154 1.00 22.32 ? 25 LYS A HE3  1 
ATOM 453 H HZ1  . LYS A 1 25 ? -12.514 -3.006  -9.277  1.00 55.43 ? 25 LYS A HZ1  1 
ATOM 454 H HZ2  . LYS A 1 25 ? -13.958 -3.885  -9.223  1.00 22.30 ? 25 LYS A HZ2  1 
ATOM 455 H HZ3  . LYS A 1 25 ? -13.767 -2.512  -8.253  1.00 21.53 ? 25 LYS A HZ3  1 
# 
